data_4EB4
#
_entry.id   4EB4
#
_cell.length_a   101.803
_cell.length_b   114.216
_cell.length_c   123.653
_cell.angle_alpha   90.000
_cell.angle_beta   90.000
_cell.angle_gamma   90.000
#
_symmetry.space_group_name_H-M   'P 21 21 21'
#
loop_
_entity.id
_entity.type
_entity.pdbx_description
1 polymer 'Thymidylate synthase'
2 non-polymer "2'-DEOXYURIDINE 5'-MONOPHOSPHATE"
3 non-polymer TOMUDEX
4 non-polymer 2,3-DIHYDROXY-1,4-DITHIOBUTANE
5 non-polymer GLYCEROL
6 non-polymer 'SULFATE ION'
7 non-polymer '2-(N-MORPHOLINO)-ETHANESULFONIC ACID'
8 water water
#
_entity_poly.entity_id   1
_entity_poly.type   'polypeptide(L)'
_entity_poly.pdbx_seq_one_letter_code
;MLVVGSELQSDAQQLSAEAPRHGELQYLRQVEHILRCGFKKEDRTGTGTLSVFGMQARYSLRDEFPLLTTKRVFWKGVLE
ELLWFIKGSTNAKELSSKGVRIWDANGSRDFLDSLGFSARQEGDLGPVYGFQWRHFGAEYKDMDSDYSGQGVDQLQKVID
TIKTNPDDRRIIMCAWNPKDLPLMALPPCHALCQFYVVNGELSCQLYQRSGDMGLGVPFNIASYALLTYMIAHITGLQPG
DFVHTLGDAHIYLNHIEPLKIQLQREPRPFPKLKILRKVETIDDFKVEDFQIEGYNPHPTIKMEMAV
;
_entity_poly.pdbx_strand_id   A,B,C,D
#
# COMPACT_ATOMS: atom_id res chain seq x y z
N MET A 1 -6.44 -51.04 10.48
CA MET A 1 -5.61 -50.86 9.26
C MET A 1 -5.88 -49.51 8.58
N LEU A 2 -5.08 -49.24 7.55
CA LEU A 2 -5.29 -48.15 6.62
C LEU A 2 -5.69 -48.81 5.29
N VAL A 3 -6.82 -48.39 4.75
CA VAL A 3 -7.29 -48.88 3.44
C VAL A 3 -7.42 -47.71 2.49
N VAL A 4 -7.07 -47.93 1.23
CA VAL A 4 -6.97 -46.82 0.28
C VAL A 4 -7.47 -47.28 -1.06
N GLY A 5 -7.81 -46.30 -1.91
CA GLY A 5 -8.16 -46.63 -3.27
C GLY A 5 -7.05 -47.34 -4.03
N SER A 6 -7.45 -48.26 -4.93
CA SER A 6 -6.48 -49.10 -5.62
C SER A 6 -5.55 -48.33 -6.55
N GLU A 7 -5.92 -47.13 -6.94
CA GLU A 7 -5.15 -46.43 -7.96
C GLU A 7 -3.90 -45.75 -7.36
N LEU A 8 -3.82 -45.65 -6.04
CA LEU A 8 -2.61 -45.02 -5.41
C LEU A 8 -1.42 -45.90 -5.68
N GLN A 9 -1.63 -47.22 -5.64
CA GLN A 9 -0.44 -48.09 -5.85
C GLN A 9 0.75 -47.71 -4.94
N SER A 10 1.93 -47.48 -5.53
CA SER A 10 3.08 -47.18 -4.71
C SER A 10 3.04 -45.71 -4.28
N ASP A 11 3.22 -45.46 -2.98
CA ASP A 11 3.17 -44.07 -2.47
C ASP A 11 4.57 -43.44 -2.37
N ALA A 12 5.58 -44.18 -2.86
CA ALA A 12 6.99 -43.78 -2.70
C ALA A 12 7.29 -42.66 -3.67
N GLN A 13 8.00 -41.66 -3.20
N GLN A 13 8.00 -41.64 -3.19
CA GLN A 13 8.38 -40.57 -4.08
CA GLN A 13 8.31 -40.44 -3.99
C GLN A 13 9.63 -40.96 -4.89
C GLN A 13 9.25 -40.78 -5.16
N ARG A 21 -3.98 -42.40 -14.99
CA ARG A 21 -2.96 -41.91 -14.05
C ARG A 21 -3.41 -40.51 -13.64
N HIS A 22 -2.72 -39.86 -12.69
CA HIS A 22 -3.15 -38.52 -12.19
C HIS A 22 -2.06 -37.67 -11.45
N GLY A 23 -2.00 -36.38 -11.76
CA GLY A 23 -1.36 -35.49 -10.80
C GLY A 23 -1.91 -35.59 -9.39
N GLU A 24 -3.22 -35.78 -9.24
CA GLU A 24 -3.83 -35.78 -7.91
C GLU A 24 -3.32 -36.93 -7.05
N LEU A 25 -2.97 -38.02 -7.72
CA LEU A 25 -2.42 -39.15 -6.99
C LEU A 25 -1.10 -38.85 -6.30
N GLN A 26 -0.32 -37.90 -6.79
N GLN A 26 -0.34 -37.87 -6.82
CA GLN A 26 0.85 -37.55 -6.03
CA GLN A 26 0.85 -37.35 -6.13
C GLN A 26 0.50 -36.96 -4.65
C GLN A 26 0.50 -36.94 -4.69
N TYR A 27 -0.51 -36.07 -4.56
CA TYR A 27 -0.98 -35.61 -3.24
C TYR A 27 -1.45 -36.76 -2.35
N LEU A 28 -2.37 -37.57 -2.88
CA LEU A 28 -2.90 -38.69 -2.12
C LEU A 28 -1.81 -39.65 -1.64
N ARG A 29 -0.85 -39.92 -2.49
CA ARG A 29 0.31 -40.72 -2.09
C ARG A 29 1.16 -40.07 -0.97
N GLN A 30 1.36 -38.75 -0.99
CA GLN A 30 1.99 -38.10 0.16
C GLN A 30 1.25 -38.30 1.48
N VAL A 31 -0.08 -38.13 1.43
CA VAL A 31 -0.91 -38.27 2.61
C VAL A 31 -0.76 -39.73 3.12
N GLU A 32 -0.95 -40.66 2.20
CA GLU A 32 -0.71 -42.10 2.52
C GLU A 32 0.63 -42.35 3.15
N HIS A 33 1.67 -41.79 2.56
CA HIS A 33 2.99 -41.95 3.09
C HIS A 33 3.16 -41.43 4.51
N ILE A 34 2.63 -40.24 4.85
CA ILE A 34 2.76 -39.71 6.17
C ILE A 34 2.00 -40.57 7.18
N LEU A 35 0.83 -41.04 6.79
CA LEU A 35 0.09 -41.91 7.68
C LEU A 35 0.84 -43.22 7.95
N ARG A 36 1.46 -43.73 6.91
CA ARG A 36 2.16 -45.06 6.98
C ARG A 36 3.50 -44.96 7.69
N CYS A 37 4.27 -43.94 7.30
CA CYS A 37 5.67 -43.81 7.70
C CYS A 37 6.01 -42.61 8.57
N GLY A 38 5.08 -41.70 8.74
CA GLY A 38 5.35 -40.51 9.50
C GLY A 38 5.59 -40.75 10.98
N PHE A 39 6.34 -39.86 11.62
CA PHE A 39 6.55 -39.92 13.05
C PHE A 39 5.70 -38.97 13.84
N LYS A 40 5.28 -39.37 15.02
CA LYS A 40 4.71 -38.43 15.90
C LYS A 40 5.57 -37.19 16.22
N LYS A 41 4.99 -36.00 16.07
CA LYS A 41 5.65 -34.74 16.44
C LYS A 41 4.69 -33.71 16.97
N GLU A 42 5.01 -33.24 18.16
CA GLU A 42 4.27 -32.21 18.83
C GLU A 42 4.48 -30.89 18.08
N ASP A 43 3.62 -29.92 18.33
CA ASP A 43 3.65 -28.67 17.54
C ASP A 43 3.12 -27.50 18.29
N ARG A 44 3.39 -26.33 17.68
CA ARG A 44 3.08 -25.04 18.22
C ARG A 44 1.63 -24.91 18.74
N THR A 45 0.68 -25.46 18.00
CA THR A 45 -0.76 -25.32 18.26
C THR A 45 -1.19 -26.21 19.41
N GLY A 46 -0.40 -27.19 19.79
CA GLY A 46 -0.77 -28.11 20.89
C GLY A 46 -1.53 -29.32 20.45
N THR A 47 -1.71 -29.46 19.15
CA THR A 47 -2.60 -30.42 18.64
C THR A 47 -1.83 -31.77 18.51
N GLY A 48 -0.60 -31.70 17.99
CA GLY A 48 0.18 -32.87 17.57
C GLY A 48 -0.05 -33.27 16.14
N THR A 49 0.98 -33.89 15.55
CA THR A 49 0.97 -34.30 14.15
C THR A 49 1.64 -35.65 13.92
N LEU A 50 1.46 -36.21 12.73
CA LEU A 50 2.30 -37.23 12.13
C LEU A 50 3.07 -36.44 11.04
N SER A 51 4.38 -36.63 10.95
CA SER A 51 5.23 -35.71 10.18
C SER A 51 6.31 -36.48 9.41
N VAL A 52 6.64 -35.97 8.24
CA VAL A 52 7.80 -36.37 7.46
C VAL A 52 8.51 -35.07 7.06
N PHE A 53 9.83 -35.11 7.02
CA PHE A 53 10.57 -33.94 6.54
C PHE A 53 11.15 -34.17 5.16
N GLY A 54 10.76 -33.31 4.23
CA GLY A 54 11.28 -33.34 2.89
C GLY A 54 10.46 -34.19 1.94
N MET A 55 9.60 -33.54 1.15
CA MET A 55 8.82 -34.23 0.14
C MET A 55 8.83 -33.36 -1.13
N GLN A 56 8.52 -33.97 -2.25
CA GLN A 56 8.36 -33.22 -3.50
C GLN A 56 7.33 -33.88 -4.35
N ALA A 57 6.52 -33.08 -5.04
CA ALA A 57 5.61 -33.59 -6.02
C ALA A 57 5.57 -32.63 -7.20
N ARG A 58 5.20 -33.17 -8.34
CA ARG A 58 5.17 -32.38 -9.63
C ARG A 58 3.77 -32.49 -10.25
N TYR A 59 3.14 -31.36 -10.47
CA TYR A 59 1.80 -31.27 -11.00
C TYR A 59 1.91 -30.62 -12.36
N SER A 60 1.51 -31.36 -13.41
CA SER A 60 1.43 -30.77 -14.78
C SER A 60 0.35 -29.71 -14.79
N LEU A 61 0.62 -28.63 -15.48
CA LEU A 61 -0.33 -27.53 -15.68
C LEU A 61 -0.79 -27.47 -17.15
N ARG A 62 -0.41 -28.46 -17.93
CA ARG A 62 -0.60 -28.46 -19.39
C ARG A 62 -2.01 -28.97 -19.69
N ASP A 63 -2.85 -28.02 -20.09
CA ASP A 63 -4.30 -28.23 -20.34
C ASP A 63 -5.10 -28.86 -19.19
N GLU A 64 -4.60 -28.70 -17.97
CA GLU A 64 -5.31 -29.07 -16.84
C GLU A 64 -4.88 -28.15 -15.70
N PHE A 65 -5.67 -28.15 -14.66
CA PHE A 65 -5.45 -27.29 -13.52
C PHE A 65 -5.65 -28.09 -12.21
N PRO A 66 -4.61 -28.17 -11.33
CA PRO A 66 -4.60 -29.13 -10.21
C PRO A 66 -5.44 -28.69 -9.01
N LEU A 67 -6.77 -28.63 -9.16
CA LEU A 67 -7.72 -28.39 -8.12
C LEU A 67 -8.24 -29.78 -7.69
N LEU A 68 -8.04 -30.16 -6.43
CA LEU A 68 -8.31 -31.56 -6.04
C LEU A 68 -9.77 -31.95 -6.27
N THR A 69 -9.95 -33.16 -6.83
CA THR A 69 -11.32 -33.73 -7.05
C THR A 69 -11.75 -34.67 -5.93
N THR A 70 -10.84 -35.18 -5.09
CA THR A 70 -11.26 -36.07 -4.02
C THR A 70 -11.86 -35.34 -2.85
N LYS A 71 -11.75 -34.00 -2.83
CA LYS A 71 -12.41 -33.23 -1.86
C LYS A 71 -12.54 -31.85 -2.46
N ARG A 72 -13.73 -31.24 -2.48
CA ARG A 72 -13.87 -29.87 -3.04
C ARG A 72 -12.93 -28.87 -2.29
N VAL A 73 -12.18 -28.07 -3.08
CA VAL A 73 -11.24 -27.09 -2.56
C VAL A 73 -11.91 -25.70 -2.77
N PHE A 74 -11.67 -24.81 -1.81
CA PHE A 74 -12.30 -23.50 -1.73
C PHE A 74 -11.66 -22.57 -2.81
N TRP A 75 -12.03 -22.80 -4.03
CA TRP A 75 -11.50 -22.07 -5.18
C TRP A 75 -11.79 -20.55 -5.06
N LYS A 76 -13.02 -20.18 -4.67
CA LYS A 76 -13.25 -18.77 -4.49
C LYS A 76 -12.19 -18.12 -3.61
N GLY A 77 -11.83 -18.79 -2.54
CA GLY A 77 -10.81 -18.27 -1.60
C GLY A 77 -9.42 -18.27 -2.25
N VAL A 78 -9.05 -19.30 -3.01
CA VAL A 78 -7.72 -19.33 -3.71
C VAL A 78 -7.55 -18.05 -4.54
N LEU A 79 -8.57 -17.82 -5.36
CA LEU A 79 -8.52 -16.68 -6.29
C LEU A 79 -8.51 -15.38 -5.54
N GLU A 80 -9.44 -15.13 -4.63
CA GLU A 80 -9.46 -13.88 -3.90
C GLU A 80 -8.17 -13.64 -3.12
N GLU A 81 -7.60 -14.70 -2.52
CA GLU A 81 -6.41 -14.56 -1.76
C GLU A 81 -5.24 -14.10 -2.64
N LEU A 82 -5.12 -14.68 -3.80
CA LEU A 82 -3.98 -14.36 -4.66
C LEU A 82 -4.14 -12.91 -5.15
N LEU A 83 -5.35 -12.51 -5.51
CA LEU A 83 -5.57 -11.11 -5.96
C LEU A 83 -5.22 -10.12 -4.86
N TRP A 84 -5.53 -10.50 -3.64
CA TRP A 84 -5.22 -9.73 -2.49
C TRP A 84 -3.68 -9.60 -2.22
N PHE A 85 -2.96 -10.72 -2.34
CA PHE A 85 -1.49 -10.72 -2.32
C PHE A 85 -0.99 -9.75 -3.39
N ILE A 86 -1.51 -9.84 -4.61
CA ILE A 86 -0.93 -9.06 -5.73
C ILE A 86 -1.13 -7.56 -5.46
N LYS A 87 -2.23 -7.17 -4.85
CA LYS A 87 -2.45 -5.76 -4.45
C LYS A 87 -1.52 -5.25 -3.39
N GLY A 88 -0.82 -6.19 -2.75
CA GLY A 88 0.14 -5.88 -1.71
C GLY A 88 -0.48 -5.93 -0.33
N SER A 89 -1.71 -6.43 -0.21
CA SER A 89 -2.42 -6.23 1.08
C SER A 89 -1.90 -7.21 2.16
N THR A 90 -1.91 -6.69 3.39
CA THR A 90 -1.68 -7.48 4.61
C THR A 90 -2.86 -7.30 5.61
N ASN A 91 -3.98 -6.84 5.05
CA ASN A 91 -5.20 -6.52 5.85
C ASN A 91 -6.24 -7.62 5.59
N ALA A 92 -6.38 -8.49 6.59
CA ALA A 92 -7.28 -9.63 6.54
C ALA A 92 -8.74 -9.18 6.33
N LYS A 93 -9.06 -7.97 6.81
CA LYS A 93 -10.44 -7.48 6.71
C LYS A 93 -10.83 -7.27 5.27
N GLU A 94 -9.87 -6.85 4.46
CA GLU A 94 -10.12 -6.62 3.06
CA GLU A 94 -10.03 -6.64 3.01
C GLU A 94 -10.33 -7.96 2.33
N LEU A 95 -9.78 -9.05 2.83
CA LEU A 95 -10.06 -10.31 2.21
C LEU A 95 -11.41 -10.85 2.74
N SER A 96 -11.60 -10.69 4.02
CA SER A 96 -12.82 -11.18 4.70
C SER A 96 -14.02 -10.55 4.01
N SER A 97 -13.90 -9.31 3.57
CA SER A 97 -15.01 -8.58 2.94
C SER A 97 -15.39 -9.21 1.62
N LYS A 98 -14.52 -10.06 1.06
CA LYS A 98 -14.82 -10.80 -0.15
C LYS A 98 -15.50 -12.14 0.17
N GLY A 99 -15.77 -12.38 1.43
CA GLY A 99 -16.33 -13.68 1.86
C GLY A 99 -15.28 -14.75 2.02
N VAL A 100 -14.05 -14.32 2.24
CA VAL A 100 -12.92 -15.29 2.30
C VAL A 100 -12.26 -15.03 3.64
N ARG A 101 -12.56 -15.90 4.63
CA ARG A 101 -12.21 -15.69 6.03
C ARG A 101 -10.95 -16.43 6.57
N ILE A 102 -10.14 -16.88 5.61
CA ILE A 102 -9.08 -17.82 5.85
C ILE A 102 -7.96 -17.20 6.71
N TRP A 103 -7.81 -15.86 6.72
CA TRP A 103 -6.84 -15.19 7.53
C TRP A 103 -7.42 -14.48 8.76
N ASP A 104 -8.70 -14.64 9.01
CA ASP A 104 -9.33 -13.89 10.05
C ASP A 104 -8.86 -14.29 11.45
N ALA A 105 -8.69 -15.60 11.68
CA ALA A 105 -8.15 -16.09 12.97
C ALA A 105 -6.76 -15.54 13.30
N ASN A 106 -5.90 -15.49 12.28
N ASN A 106 -5.89 -15.52 12.28
CA ASN A 106 -4.53 -14.99 12.49
CA ASN A 106 -4.52 -15.04 12.44
C ASN A 106 -4.47 -13.52 12.70
C ASN A 106 -4.46 -13.53 12.67
N GLY A 107 -5.53 -12.83 12.27
CA GLY A 107 -5.66 -11.40 12.42
C GLY A 107 -6.53 -10.96 13.58
N SER A 108 -7.00 -11.94 14.36
CA SER A 108 -8.00 -11.66 15.41
C SER A 108 -7.39 -10.94 16.56
N ARG A 109 -8.21 -10.14 17.22
CA ARG A 109 -7.75 -9.48 18.43
C ARG A 109 -7.04 -10.47 19.32
N ASP A 110 -7.66 -11.61 19.56
CA ASP A 110 -7.10 -12.50 20.60
C ASP A 110 -5.74 -13.05 20.18
N PHE A 111 -5.58 -13.35 18.88
CA PHE A 111 -4.36 -14.03 18.42
C PHE A 111 -3.21 -13.02 18.42
N LEU A 112 -3.50 -11.82 17.91
CA LEU A 112 -2.57 -10.74 17.94
C LEU A 112 -2.10 -10.48 19.33
N ASP A 113 -3.03 -10.39 20.27
CA ASP A 113 -2.61 -10.20 21.67
C ASP A 113 -1.73 -11.31 22.20
N SER A 114 -2.01 -12.54 21.78
CA SER A 114 -1.19 -13.70 22.14
C SER A 114 0.27 -13.52 21.74
N LEU A 115 0.52 -12.73 20.69
CA LEU A 115 1.86 -12.45 20.22
C LEU A 115 2.44 -11.15 20.75
N GLY A 116 1.66 -10.41 21.54
CA GLY A 116 2.19 -9.17 22.08
C GLY A 116 1.84 -7.92 21.30
N PHE A 117 1.02 -8.07 20.26
CA PHE A 117 0.63 -6.95 19.35
C PHE A 117 -0.71 -6.38 19.83
N SER A 118 -0.78 -6.02 21.11
CA SER A 118 -2.01 -5.44 21.64
C SER A 118 -2.34 -4.06 21.07
N ALA A 119 -1.35 -3.32 20.59
CA ALA A 119 -1.67 -1.98 20.06
C ALA A 119 -2.07 -2.05 18.57
N ARG A 120 -1.95 -3.22 17.96
CA ARG A 120 -2.19 -3.35 16.51
C ARG A 120 -3.68 -3.50 16.23
N GLN A 121 -4.16 -2.87 15.14
CA GLN A 121 -5.54 -3.07 14.65
C GLN A 121 -5.85 -4.49 14.23
N GLU A 122 -7.05 -4.97 14.55
CA GLU A 122 -7.50 -6.29 14.14
C GLU A 122 -7.49 -6.38 12.61
N GLY A 123 -7.04 -7.53 12.13
CA GLY A 123 -6.86 -7.77 10.71
C GLY A 123 -5.44 -7.48 10.18
N ASP A 124 -4.59 -6.84 10.99
CA ASP A 124 -3.21 -6.47 10.54
C ASP A 124 -2.27 -7.65 10.73
N LEU A 125 -2.02 -8.37 9.65
CA LEU A 125 -1.25 -9.61 9.71
C LEU A 125 0.26 -9.35 9.85
N GLY A 126 0.64 -8.11 9.73
CA GLY A 126 2.05 -7.75 9.73
C GLY A 126 2.62 -7.83 8.32
N PRO A 127 3.97 -7.76 8.20
CA PRO A 127 4.63 -7.67 6.91
C PRO A 127 4.76 -9.06 6.31
N VAL A 128 3.63 -9.61 5.92
CA VAL A 128 3.57 -10.93 5.31
C VAL A 128 3.58 -10.84 3.77
N TYR A 129 3.07 -11.85 3.09
CA TYR A 129 3.26 -11.96 1.66
C TYR A 129 3.05 -10.69 0.84
N GLY A 130 1.84 -10.08 0.89
CA GLY A 130 1.55 -8.91 0.09
C GLY A 130 2.63 -7.85 0.21
N PHE A 131 3.10 -7.63 1.43
CA PHE A 131 4.10 -6.66 1.68
C PHE A 131 5.48 -7.11 1.17
N GLN A 132 5.87 -8.35 1.45
CA GLN A 132 7.18 -8.80 1.00
C GLN A 132 7.24 -8.91 -0.52
N TRP A 133 6.18 -9.37 -1.16
CA TRP A 133 6.19 -9.58 -2.61
C TRP A 133 6.33 -8.27 -3.37
N ARG A 134 5.75 -7.22 -2.82
CA ARG A 134 5.69 -5.88 -3.51
C ARG A 134 6.65 -4.82 -2.95
N HIS A 135 7.16 -4.99 -1.74
CA HIS A 135 7.86 -4.00 -0.91
C HIS A 135 9.00 -4.57 -0.07
N PHE A 136 9.62 -5.70 -0.48
CA PHE A 136 10.68 -6.31 0.30
C PHE A 136 11.72 -5.27 0.74
N GLY A 137 11.99 -5.19 2.03
CA GLY A 137 13.03 -4.34 2.50
C GLY A 137 12.52 -3.01 3.05
N ALA A 138 11.28 -2.67 2.74
CA ALA A 138 10.67 -1.39 3.24
C ALA A 138 10.37 -1.53 4.72
N GLU A 139 10.24 -0.41 5.42
CA GLU A 139 10.00 -0.46 6.85
C GLU A 139 8.48 -0.55 7.10
N TYR A 140 8.02 -1.65 7.65
CA TYR A 140 6.60 -1.84 7.89
C TYR A 140 6.19 -0.96 9.09
N LYS A 141 5.03 -0.35 8.96
N LYS A 141 5.06 -0.29 8.93
CA LYS A 141 4.38 0.39 10.00
CA LYS A 141 4.40 0.44 9.99
C LYS A 141 3.06 -0.28 10.35
C LYS A 141 3.08 -0.26 10.34
N ASP A 142 2.04 -0.03 9.56
CA ASP A 142 0.79 -0.79 9.66
C ASP A 142 0.19 -1.15 8.34
N MET A 143 -0.88 -1.93 8.39
CA MET A 143 -1.48 -2.54 7.18
C MET A 143 -2.01 -1.57 6.13
N ASP A 144 -2.41 -0.37 6.57
CA ASP A 144 -2.99 0.57 5.60
CA ASP A 144 -2.99 0.68 5.72
C ASP A 144 -2.01 1.75 5.32
N SER A 145 -0.75 1.65 5.79
CA SER A 145 0.24 2.71 5.47
C SER A 145 0.58 2.72 3.98
N ASP A 146 1.16 3.84 3.56
N ASP A 146 0.90 3.90 3.43
CA ASP A 146 1.43 4.09 2.16
CA ASP A 146 1.30 4.00 2.00
C ASP A 146 2.86 3.65 1.82
C ASP A 146 2.76 3.54 1.94
N TYR A 147 3.03 2.57 1.06
CA TYR A 147 4.40 2.04 0.80
C TYR A 147 4.82 2.22 -0.69
N SER A 148 4.11 3.11 -1.40
CA SER A 148 4.31 3.33 -2.82
C SER A 148 5.76 3.63 -3.12
N GLY A 149 6.38 2.83 -3.99
CA GLY A 149 7.77 2.97 -4.37
C GLY A 149 8.81 2.56 -3.35
N GLN A 150 8.41 1.95 -2.24
CA GLN A 150 9.34 1.57 -1.13
C GLN A 150 9.61 0.07 -1.28
N GLY A 151 10.86 -0.32 -1.15
CA GLY A 151 11.24 -1.73 -1.19
C GLY A 151 11.29 -2.28 -2.57
N VAL A 152 11.58 -3.59 -2.66
CA VAL A 152 11.73 -4.24 -3.91
C VAL A 152 10.45 -4.89 -4.38
N ASP A 153 9.99 -4.53 -5.55
CA ASP A 153 8.81 -5.20 -6.14
C ASP A 153 9.21 -6.50 -6.82
N GLN A 154 9.25 -7.58 -6.04
CA GLN A 154 9.74 -8.81 -6.53
C GLN A 154 8.86 -9.42 -7.61
N LEU A 155 7.57 -9.23 -7.43
CA LEU A 155 6.60 -9.75 -8.36
C LEU A 155 6.84 -9.16 -9.75
N GLN A 156 6.92 -7.84 -9.84
CA GLN A 156 7.13 -7.24 -11.15
C GLN A 156 8.49 -7.58 -11.69
N LYS A 157 9.51 -7.71 -10.84
CA LYS A 157 10.86 -8.09 -11.29
C LYS A 157 10.86 -9.51 -11.88
N VAL A 158 10.09 -10.43 -11.27
CA VAL A 158 9.97 -11.75 -11.79
C VAL A 158 9.42 -11.72 -13.24
N ILE A 159 8.35 -10.96 -13.40
CA ILE A 159 7.66 -10.89 -14.68
C ILE A 159 8.58 -10.31 -15.74
N ASP A 160 9.26 -9.23 -15.36
CA ASP A 160 10.18 -8.55 -16.32
C ASP A 160 11.34 -9.48 -16.71
N THR A 161 11.89 -10.22 -15.73
CA THR A 161 12.98 -11.16 -16.06
C THR A 161 12.58 -12.29 -16.98
N ILE A 162 11.40 -12.84 -16.78
CA ILE A 162 10.89 -13.93 -17.61
C ILE A 162 10.80 -13.40 -19.06
N LYS A 163 10.40 -12.15 -19.21
CA LYS A 163 10.24 -11.54 -20.57
C LYS A 163 11.56 -11.27 -21.26
N THR A 164 12.56 -10.86 -20.50
CA THR A 164 13.85 -10.36 -21.04
C THR A 164 14.92 -11.45 -21.10
N ASN A 165 14.90 -12.32 -20.09
CA ASN A 165 15.95 -13.33 -19.95
C ASN A 165 15.35 -14.60 -19.36
N PRO A 166 14.49 -15.30 -20.14
CA PRO A 166 13.81 -16.52 -19.64
C PRO A 166 14.77 -17.60 -19.12
N ASP A 167 16.04 -17.64 -19.57
CA ASP A 167 16.95 -18.69 -19.10
C ASP A 167 17.47 -18.40 -17.68
N ASP A 168 17.23 -17.25 -17.10
CA ASP A 168 17.80 -16.86 -15.81
C ASP A 168 17.43 -17.87 -14.73
N ARG A 169 18.37 -18.16 -13.88
CA ARG A 169 18.26 -19.21 -12.87
C ARG A 169 18.09 -18.57 -11.52
N ARG A 170 17.78 -17.28 -11.55
CA ARG A 170 17.60 -16.44 -10.37
C ARG A 170 16.22 -15.85 -10.23
N ILE A 171 15.21 -16.45 -10.86
CA ILE A 171 13.87 -15.82 -10.90
C ILE A 171 13.09 -16.29 -9.68
N ILE A 172 13.26 -15.57 -8.58
CA ILE A 172 12.72 -15.97 -7.29
C ILE A 172 11.94 -14.86 -6.68
N MET A 173 10.89 -15.22 -5.95
CA MET A 173 10.14 -14.27 -5.13
C MET A 173 10.21 -14.88 -3.76
N CYS A 174 10.70 -14.15 -2.80
CA CYS A 174 10.93 -14.65 -1.41
C CYS A 174 10.16 -13.85 -0.37
N ALA A 175 9.32 -14.52 0.41
CA ALA A 175 8.56 -13.87 1.46
C ALA A 175 9.25 -13.97 2.81
N TRP A 176 10.20 -14.91 2.93
CA TRP A 176 10.99 -15.09 4.15
C TRP A 176 11.92 -13.93 4.37
N ASN A 177 11.61 -13.09 5.34
CA ASN A 177 12.40 -11.93 5.64
C ASN A 177 12.76 -11.96 7.10
N PRO A 178 13.98 -12.42 7.43
CA PRO A 178 14.42 -12.57 8.80
C PRO A 178 14.27 -11.29 9.64
N LYS A 179 14.50 -10.13 9.05
CA LYS A 179 14.37 -8.90 9.82
C LYS A 179 12.96 -8.64 10.29
N ASP A 180 12.01 -8.98 9.44
CA ASP A 180 10.62 -8.65 9.65
C ASP A 180 9.86 -9.73 10.42
N LEU A 181 10.44 -10.91 10.59
CA LEU A 181 9.70 -12.05 11.11
C LEU A 181 8.97 -11.74 12.45
N PRO A 182 9.64 -11.05 13.37
CA PRO A 182 8.98 -10.82 14.71
C PRO A 182 7.72 -9.99 14.62
N LEU A 183 7.52 -9.26 13.49
CA LEU A 183 6.31 -8.48 13.32
C LEU A 183 5.16 -9.25 12.63
N MET A 184 5.41 -10.48 12.16
CA MET A 184 4.41 -11.24 11.36
C MET A 184 3.53 -12.02 12.30
N ALA A 185 2.22 -12.05 12.01
CA ALA A 185 1.26 -12.84 12.77
C ALA A 185 1.46 -14.32 12.52
N LEU A 186 1.97 -14.67 11.35
CA LEU A 186 2.40 -16.04 11.09
C LEU A 186 3.55 -15.91 10.09
N PRO A 187 4.75 -16.38 10.43
CA PRO A 187 5.82 -16.35 9.41
C PRO A 187 5.39 -17.17 8.22
N PRO A 188 5.79 -16.78 6.99
CA PRO A 188 5.23 -17.41 5.80
C PRO A 188 5.43 -18.93 5.75
N CYS A 189 4.39 -19.68 5.44
CA CYS A 189 4.48 -21.13 5.24
C CYS A 189 5.19 -21.31 3.89
N HIS A 190 4.95 -20.39 2.96
CA HIS A 190 5.61 -20.39 1.64
C HIS A 190 6.78 -19.43 1.62
N ALA A 191 7.94 -19.96 1.87
CA ALA A 191 9.11 -19.19 2.14
C ALA A 191 9.55 -18.51 0.88
N LEU A 192 9.59 -19.26 -0.22
CA LEU A 192 9.97 -18.69 -1.51
C LEU A 192 9.45 -19.55 -2.68
N CYS A 193 9.45 -18.96 -3.85
CA CYS A 193 9.20 -19.69 -5.03
C CYS A 193 10.14 -19.26 -6.16
N GLN A 194 10.35 -20.16 -7.06
CA GLN A 194 11.25 -19.94 -8.20
C GLN A 194 10.56 -20.31 -9.51
N PHE A 195 10.79 -19.54 -10.54
CA PHE A 195 10.25 -19.76 -11.84
C PHE A 195 11.36 -20.15 -12.78
N TYR A 196 10.96 -20.83 -13.87
CA TYR A 196 11.86 -21.48 -14.80
C TYR A 196 11.20 -21.56 -16.15
N VAL A 197 12.01 -21.41 -17.20
CA VAL A 197 11.42 -21.42 -18.55
C VAL A 197 12.20 -22.37 -19.39
N VAL A 198 11.53 -23.29 -20.06
CA VAL A 198 12.20 -24.11 -21.12
C VAL A 198 11.13 -24.51 -22.14
N ASN A 199 11.54 -24.59 -23.39
CA ASN A 199 10.59 -24.96 -24.47
C ASN A 199 9.25 -24.21 -24.51
N GLY A 200 9.33 -22.91 -24.26
CA GLY A 200 8.23 -21.98 -24.16
C GLY A 200 7.20 -22.27 -23.09
N GLU A 201 7.60 -23.02 -22.05
CA GLU A 201 6.73 -23.32 -20.92
C GLU A 201 7.32 -22.73 -19.65
N LEU A 202 6.43 -22.18 -18.86
CA LEU A 202 6.74 -21.58 -17.54
C LEU A 202 6.43 -22.60 -16.44
N SER A 203 7.43 -22.91 -15.60
CA SER A 203 7.17 -23.70 -14.44
C SER A 203 7.51 -22.89 -13.18
N CYS A 204 7.03 -23.41 -12.04
CA CYS A 204 7.17 -22.77 -10.74
C CYS A 204 7.48 -23.84 -9.74
N GLN A 205 8.43 -23.56 -8.83
CA GLN A 205 8.67 -24.43 -7.68
C GLN A 205 8.42 -23.64 -6.44
N LEU A 206 7.68 -24.20 -5.48
CA LEU A 206 7.40 -23.59 -4.23
C LEU A 206 8.18 -24.34 -3.15
N TYR A 207 8.89 -23.57 -2.32
CA TYR A 207 9.39 -24.08 -1.05
C TYR A 207 8.47 -23.77 0.06
N GLN A 208 7.78 -24.81 0.52
CA GLN A 208 6.82 -24.65 1.61
C GLN A 208 7.44 -25.27 2.88
N ARG A 209 7.75 -24.47 3.85
CA ARG A 209 8.46 -24.88 5.08
C ARG A 209 7.61 -25.74 5.97
N SER A 210 6.29 -25.65 5.83
CA SER A 210 5.40 -26.29 6.81
C SER A 210 4.09 -26.44 6.04
N GLY A 211 3.62 -27.66 5.90
CA GLY A 211 2.44 -27.97 5.15
C GLY A 211 1.47 -28.83 5.96
N ASP A 212 0.33 -28.22 6.27
CA ASP A 212 -0.86 -28.89 6.87
C ASP A 212 -1.54 -29.65 5.71
N MET A 213 -1.34 -30.97 5.64
CA MET A 213 -1.69 -31.66 4.50
C MET A 213 -3.19 -31.69 4.22
N GLY A 214 -3.95 -31.73 5.29
CA GLY A 214 -5.40 -31.73 5.23
C GLY A 214 -6.05 -30.42 4.78
N LEU A 215 -5.59 -29.30 5.29
CA LEU A 215 -6.23 -28.00 5.09
C LEU A 215 -5.51 -27.14 4.08
N GLY A 216 -4.38 -26.58 4.49
CA GLY A 216 -3.68 -25.61 3.63
C GLY A 216 -3.13 -26.16 2.36
N VAL A 217 -2.58 -27.37 2.38
CA VAL A 217 -1.77 -27.80 1.20
C VAL A 217 -2.57 -27.91 -0.13
N PRO A 218 -3.80 -28.45 -0.10
CA PRO A 218 -4.55 -28.45 -1.34
C PRO A 218 -4.89 -27.06 -1.89
N PHE A 219 -5.18 -26.17 -0.97
CA PHE A 219 -5.40 -24.76 -1.28
C PHE A 219 -4.14 -24.11 -1.85
N ASN A 220 -3.01 -24.41 -1.23
CA ASN A 220 -1.73 -23.82 -1.64
C ASN A 220 -1.30 -24.28 -2.99
N ILE A 221 -1.51 -25.57 -3.31
CA ILE A 221 -1.22 -26.08 -4.62
C ILE A 221 -1.98 -25.29 -5.70
N ALA A 222 -3.27 -25.11 -5.51
CA ALA A 222 -4.08 -24.37 -6.42
C ALA A 222 -3.61 -22.90 -6.49
N SER A 223 -3.21 -22.32 -5.38
CA SER A 223 -2.71 -20.91 -5.36
C SER A 223 -1.53 -20.75 -6.31
N TYR A 224 -0.49 -21.58 -6.08
CA TYR A 224 0.69 -21.45 -6.96
C TYR A 224 0.46 -21.84 -8.45
N ALA A 225 -0.43 -22.78 -8.72
CA ALA A 225 -0.82 -23.11 -10.07
C ALA A 225 -1.44 -21.92 -10.75
N LEU A 226 -2.26 -21.24 -10.02
CA LEU A 226 -2.98 -20.06 -10.53
C LEU A 226 -1.99 -18.94 -10.79
N LEU A 227 -1.05 -18.71 -9.86
CA LEU A 227 0.00 -17.70 -10.07
C LEU A 227 0.73 -18.00 -11.35
N THR A 228 1.06 -19.27 -11.59
CA THR A 228 1.89 -19.64 -12.72
C THR A 228 1.04 -19.42 -14.00
N TYR A 229 -0.25 -19.77 -13.95
CA TYR A 229 -1.15 -19.43 -15.06
C TYR A 229 -1.22 -17.93 -15.37
N MET A 230 -1.31 -17.12 -14.35
CA MET A 230 -1.32 -15.65 -14.52
C MET A 230 -0.06 -15.17 -15.14
N ILE A 231 1.08 -15.59 -14.62
CA ILE A 231 2.37 -15.08 -15.14
C ILE A 231 2.62 -15.58 -16.53
N ALA A 232 2.29 -16.83 -16.79
CA ALA A 232 2.44 -17.39 -18.14
C ALA A 232 1.63 -16.58 -19.15
N HIS A 233 0.41 -16.24 -18.78
CA HIS A 233 -0.46 -15.40 -19.64
C HIS A 233 0.20 -14.06 -19.97
N ILE A 234 0.66 -13.35 -18.95
CA ILE A 234 1.28 -11.96 -19.11
C ILE A 234 2.54 -12.02 -19.93
N THR A 235 3.30 -13.10 -19.83
CA THR A 235 4.59 -13.23 -20.48
C THR A 235 4.54 -13.97 -21.83
N GLY A 236 3.33 -14.35 -22.25
CA GLY A 236 3.15 -15.09 -23.51
C GLY A 236 3.70 -16.51 -23.56
N LEU A 237 3.75 -17.18 -22.41
CA LEU A 237 4.24 -18.51 -22.33
C LEU A 237 3.12 -19.49 -22.03
N GLN A 238 3.38 -20.78 -22.10
CA GLN A 238 2.41 -21.78 -21.66
C GLN A 238 2.76 -22.30 -20.27
N PRO A 239 1.78 -22.63 -19.48
CA PRO A 239 2.13 -23.22 -18.17
C PRO A 239 2.73 -24.60 -18.35
N GLY A 240 3.79 -24.89 -17.57
CA GLY A 240 4.49 -26.15 -17.64
C GLY A 240 4.19 -27.02 -16.45
N ASP A 241 5.07 -27.03 -15.43
CA ASP A 241 4.86 -27.77 -14.21
C ASP A 241 4.81 -26.85 -12.99
N PHE A 242 4.11 -27.30 -11.98
CA PHE A 242 4.20 -26.76 -10.64
C PHE A 242 4.87 -27.81 -9.76
N VAL A 243 6.04 -27.49 -9.22
CA VAL A 243 6.77 -28.44 -8.38
C VAL A 243 6.59 -28.00 -6.95
N HIS A 244 6.06 -28.88 -6.10
CA HIS A 244 5.72 -28.57 -4.76
C HIS A 244 6.74 -29.23 -3.84
N THR A 245 7.52 -28.44 -3.14
CA THR A 245 8.50 -28.98 -2.18
C THR A 245 8.09 -28.62 -0.80
N LEU A 246 8.10 -29.61 0.12
CA LEU A 246 7.73 -29.44 1.52
C LEU A 246 8.91 -29.69 2.44
N GLY A 247 8.94 -28.89 3.50
CA GLY A 247 9.76 -29.02 4.69
C GLY A 247 9.08 -30.04 5.65
N ASP A 248 8.46 -29.51 6.69
CA ASP A 248 7.70 -30.37 7.64
C ASP A 248 6.29 -30.57 7.03
N ALA A 249 6.11 -31.72 6.38
CA ALA A 249 4.85 -32.17 5.80
C ALA A 249 4.12 -32.94 6.89
N HIS A 250 3.01 -32.43 7.35
CA HIS A 250 2.36 -33.06 8.51
C HIS A 250 0.86 -33.18 8.40
N ILE A 251 0.34 -34.17 9.15
CA ILE A 251 -1.13 -34.40 9.28
C ILE A 251 -1.50 -34.18 10.75
N TYR A 252 -2.34 -33.20 11.03
CA TYR A 252 -2.76 -32.99 12.39
C TYR A 252 -3.62 -34.18 12.84
N LEU A 253 -3.57 -34.53 14.12
CA LEU A 253 -4.17 -35.79 14.56
C LEU A 253 -5.67 -35.79 14.27
N ASN A 254 -6.29 -34.61 14.29
CA ASN A 254 -7.76 -34.54 14.07
C ASN A 254 -8.13 -34.55 12.58
N HIS A 255 -7.15 -34.59 11.71
CA HIS A 255 -7.40 -34.80 10.35
C HIS A 255 -7.18 -36.26 9.89
N ILE A 256 -6.77 -37.17 10.74
CA ILE A 256 -6.42 -38.52 10.26
C ILE A 256 -7.64 -39.24 9.71
N GLU A 257 -8.70 -39.24 10.50
CA GLU A 257 -9.91 -39.89 10.04
C GLU A 257 -10.59 -39.22 8.85
N PRO A 258 -10.62 -37.87 8.79
CA PRO A 258 -11.09 -37.30 7.52
C PRO A 258 -10.27 -37.62 6.27
N LEU A 259 -8.96 -37.64 6.40
CA LEU A 259 -8.13 -37.97 5.29
C LEU A 259 -8.23 -39.43 4.91
N LYS A 260 -8.49 -40.31 5.89
CA LYS A 260 -8.74 -41.73 5.53
C LYS A 260 -10.01 -41.91 4.67
N ILE A 261 -11.00 -41.08 4.91
CA ILE A 261 -12.18 -41.02 4.03
C ILE A 261 -11.77 -40.61 2.64
N GLN A 262 -10.96 -39.54 2.54
CA GLN A 262 -10.60 -39.04 1.28
C GLN A 262 -9.81 -40.03 0.42
N LEU A 263 -8.95 -40.81 1.07
CA LEU A 263 -8.06 -41.63 0.39
C LEU A 263 -8.81 -42.82 -0.23
N GLN A 264 -10.02 -43.06 0.23
CA GLN A 264 -10.83 -44.08 -0.44
C GLN A 264 -11.71 -43.58 -1.53
N ARG A 265 -11.68 -42.27 -1.84
CA ARG A 265 -12.48 -41.76 -2.97
C ARG A 265 -11.79 -41.85 -4.35
N GLU A 266 -12.57 -42.07 -5.42
CA GLU A 266 -12.00 -42.23 -6.73
C GLU A 266 -11.74 -40.81 -7.31
N PRO A 267 -10.49 -40.54 -7.72
CA PRO A 267 -10.19 -39.26 -8.33
C PRO A 267 -10.84 -39.16 -9.69
N ARG A 268 -11.20 -37.94 -10.04
CA ARG A 268 -11.74 -37.64 -11.33
C ARG A 268 -10.80 -36.77 -12.11
N PRO A 269 -11.04 -36.61 -13.41
CA PRO A 269 -10.06 -35.76 -14.06
C PRO A 269 -10.07 -34.36 -13.49
N PHE A 270 -8.88 -33.75 -13.44
CA PHE A 270 -8.82 -32.34 -13.04
C PHE A 270 -9.58 -31.46 -13.97
N PRO A 271 -10.07 -30.30 -13.47
CA PRO A 271 -10.67 -29.27 -14.31
C PRO A 271 -9.65 -28.51 -15.17
N LYS A 272 -10.17 -27.56 -15.96
CA LYS A 272 -9.38 -26.68 -16.78
C LYS A 272 -9.59 -25.29 -16.18
N LEU A 273 -8.56 -24.46 -16.27
CA LEU A 273 -8.65 -23.05 -15.99
C LEU A 273 -8.51 -22.23 -17.27
N LYS A 274 -9.50 -21.36 -17.50
CA LYS A 274 -9.53 -20.48 -18.67
C LYS A 274 -9.38 -19.05 -18.19
N ILE A 275 -8.55 -18.31 -18.91
CA ILE A 275 -8.44 -16.89 -18.78
C ILE A 275 -9.20 -16.26 -19.97
N LEU A 276 -10.14 -15.42 -19.59
CA LEU A 276 -11.30 -15.05 -20.46
C LEU A 276 -11.05 -13.83 -21.33
N ARG A 277 -9.99 -13.12 -21.05
CA ARG A 277 -9.61 -11.99 -21.87
C ARG A 277 -8.09 -11.81 -21.85
N LYS A 278 -7.59 -11.06 -22.81
N LYS A 278 -7.62 -11.00 -22.77
CA LYS A 278 -6.17 -10.71 -22.78
CA LYS A 278 -6.21 -10.61 -22.83
C LYS A 278 -5.85 -9.65 -21.74
C LYS A 278 -5.84 -9.60 -21.74
N VAL A 279 -5.02 -10.03 -20.75
CA VAL A 279 -4.59 -9.18 -19.69
C VAL A 279 -3.09 -8.93 -19.87
N GLU A 280 -2.72 -7.68 -19.68
N GLU A 280 -2.70 -7.70 -19.65
CA GLU A 280 -1.38 -7.24 -20.01
CA GLU A 280 -1.34 -7.35 -19.98
C GLU A 280 -0.47 -7.05 -18.81
C GLU A 280 -0.45 -7.05 -18.80
N THR A 281 -1.05 -6.76 -17.65
CA THR A 281 -0.27 -6.55 -16.43
C THR A 281 -0.88 -7.36 -15.30
N ILE A 282 -0.04 -7.80 -14.39
CA ILE A 282 -0.50 -8.62 -13.26
C ILE A 282 -1.55 -7.93 -12.39
N ASP A 283 -1.42 -6.61 -12.28
N ASP A 283 -1.43 -6.60 -12.16
CA ASP A 283 -2.25 -5.78 -11.46
CA ASP A 283 -2.36 -5.90 -11.28
C ASP A 283 -3.67 -5.65 -12.01
C ASP A 283 -3.73 -5.71 -11.98
N ASP A 284 -3.80 -5.93 -13.30
CA ASP A 284 -5.07 -5.81 -14.00
C ASP A 284 -5.99 -7.08 -13.90
N PHE A 285 -5.46 -8.22 -13.47
CA PHE A 285 -6.34 -9.39 -13.24
C PHE A 285 -7.41 -9.13 -12.21
N LYS A 286 -8.60 -9.62 -12.54
CA LYS A 286 -9.79 -9.52 -11.69
C LYS A 286 -10.48 -10.86 -11.59
N VAL A 287 -11.30 -11.07 -10.56
CA VAL A 287 -12.03 -12.36 -10.38
C VAL A 287 -12.76 -12.79 -11.63
N GLU A 288 -13.38 -11.84 -12.32
CA GLU A 288 -14.10 -12.14 -13.53
C GLU A 288 -13.31 -12.55 -14.75
N ASP A 289 -11.95 -12.54 -14.72
CA ASP A 289 -11.12 -12.98 -15.77
C ASP A 289 -10.90 -14.45 -15.84
N PHE A 290 -11.40 -15.22 -14.85
CA PHE A 290 -11.08 -16.65 -14.77
C PHE A 290 -12.32 -17.50 -14.76
N GLN A 291 -12.22 -18.64 -15.41
CA GLN A 291 -13.24 -19.69 -15.27
C GLN A 291 -12.63 -21.06 -15.07
N ILE A 292 -13.11 -21.72 -14.02
CA ILE A 292 -12.79 -23.14 -13.79
C ILE A 292 -13.90 -23.94 -14.48
N GLU A 293 -13.50 -24.80 -15.38
CA GLU A 293 -14.43 -25.60 -16.22
C GLU A 293 -14.23 -27.06 -15.88
N GLY A 294 -15.31 -27.80 -15.82
CA GLY A 294 -15.21 -29.22 -15.59
C GLY A 294 -14.78 -29.67 -14.21
N TYR A 295 -15.09 -28.89 -13.19
CA TYR A 295 -14.78 -29.26 -11.81
C TYR A 295 -15.96 -29.99 -11.21
N ASN A 296 -15.71 -31.28 -11.04
CA ASN A 296 -16.72 -32.27 -10.56
C ASN A 296 -16.17 -33.01 -9.34
N PRO A 297 -15.83 -32.27 -8.27
CA PRO A 297 -15.25 -32.88 -7.09
C PRO A 297 -16.22 -33.68 -6.24
N HIS A 298 -15.67 -34.57 -5.45
CA HIS A 298 -16.41 -35.14 -4.35
C HIS A 298 -16.60 -34.07 -3.32
N PRO A 299 -17.53 -34.24 -2.40
CA PRO A 299 -17.83 -33.16 -1.47
C PRO A 299 -16.71 -32.72 -0.54
N THR A 300 -16.74 -31.45 -0.09
CA THR A 300 -15.84 -30.98 0.95
C THR A 300 -15.89 -31.87 2.20
N ILE A 301 -14.72 -32.01 2.80
CA ILE A 301 -14.52 -32.67 4.08
C ILE A 301 -13.98 -31.63 4.99
N LYS A 302 -14.69 -31.38 6.06
N LYS A 302 -14.69 -31.39 6.07
CA LYS A 302 -14.29 -30.39 7.03
CA LYS A 302 -14.30 -30.37 7.03
C LYS A 302 -12.99 -30.82 7.71
C LYS A 302 -13.03 -30.76 7.77
N MET A 303 -11.96 -29.98 7.57
CA MET A 303 -10.71 -30.16 8.26
C MET A 303 -10.56 -28.93 9.10
N GLU A 304 -10.61 -29.09 10.40
CA GLU A 304 -10.55 -27.93 11.32
C GLU A 304 -9.21 -27.24 11.22
N MET A 305 -9.18 -25.92 11.37
CA MET A 305 -7.90 -25.19 11.49
C MET A 305 -7.41 -25.17 12.94
N ALA A 306 -6.22 -25.71 13.19
CA ALA A 306 -5.54 -25.56 14.50
C ALA A 306 -5.05 -24.11 14.71
N VAL A 307 -5.20 -23.62 15.94
CA VAL A 307 -4.80 -22.26 16.39
C VAL A 307 -5.25 -21.15 15.49
N MET B 1 25.78 -45.27 -27.10
CA MET B 1 24.62 -44.63 -26.36
C MET B 1 25.13 -44.37 -24.93
N LEU B 2 24.28 -43.76 -24.09
CA LEU B 2 24.63 -43.56 -22.67
C LEU B 2 24.69 -44.92 -21.98
N VAL B 3 25.85 -45.27 -21.44
CA VAL B 3 26.09 -46.50 -20.66
C VAL B 3 26.50 -46.15 -19.22
N VAL B 4 25.97 -46.90 -18.27
CA VAL B 4 26.14 -46.54 -16.86
C VAL B 4 26.35 -47.81 -16.04
N GLY B 5 26.89 -47.65 -14.85
CA GLY B 5 27.04 -48.78 -13.96
C GLY B 5 25.70 -49.44 -13.67
N SER B 6 25.74 -50.78 -13.51
CA SER B 6 24.57 -51.57 -13.33
C SER B 6 23.82 -51.35 -12.01
N GLU B 7 24.46 -50.67 -11.06
CA GLU B 7 23.85 -50.45 -9.78
C GLU B 7 22.87 -49.27 -9.75
N LEU B 8 22.91 -48.39 -10.77
CA LEU B 8 22.03 -47.23 -10.78
C LEU B 8 20.57 -47.70 -10.91
N GLN B 9 20.35 -48.75 -11.70
CA GLN B 9 19.00 -49.22 -11.93
C GLN B 9 18.05 -48.10 -12.36
N SER B 10 16.91 -47.94 -11.70
CA SER B 10 16.03 -46.86 -12.08
C SER B 10 16.56 -45.49 -11.59
N ASP B 11 16.68 -44.53 -12.49
CA ASP B 11 17.13 -43.18 -12.08
C ASP B 11 15.98 -42.29 -11.65
N ALA B 12 14.74 -42.82 -11.64
CA ALA B 12 13.58 -41.93 -11.36
C ALA B 12 13.51 -41.57 -9.89
N GLN B 13 13.13 -40.32 -9.61
CA GLN B 13 12.93 -39.92 -8.22
C GLN B 13 11.65 -40.53 -7.64
N PRO B 20 16.56 -43.66 4.53
CA PRO B 20 17.35 -43.77 3.30
C PRO B 20 18.49 -44.81 3.33
N ARG B 21 19.08 -45.02 2.15
CA ARG B 21 20.07 -46.08 1.88
C ARG B 21 20.84 -45.68 0.63
N HIS B 22 22.07 -46.20 0.50
CA HIS B 22 22.90 -46.00 -0.69
C HIS B 22 22.93 -44.56 -1.17
N GLY B 23 23.47 -43.70 -0.33
CA GLY B 23 23.46 -42.28 -0.59
C GLY B 23 24.00 -41.84 -1.95
N GLU B 24 25.12 -42.38 -2.35
CA GLU B 24 25.78 -41.83 -3.51
C GLU B 24 24.98 -42.09 -4.74
N LEU B 25 24.28 -43.21 -4.75
CA LEU B 25 23.48 -43.56 -5.90
C LEU B 25 22.37 -42.51 -6.18
N GLN B 26 21.94 -41.79 -5.16
CA GLN B 26 20.91 -40.75 -5.31
C GLN B 26 21.48 -39.70 -6.29
N TYR B 27 22.73 -39.30 -6.03
CA TYR B 27 23.41 -38.29 -6.87
C TYR B 27 23.65 -38.81 -8.27
N LEU B 28 24.15 -40.01 -8.39
CA LEU B 28 24.47 -40.54 -9.68
C LEU B 28 23.20 -40.74 -10.49
N ARG B 29 22.11 -41.15 -9.83
CA ARG B 29 20.90 -41.27 -10.56
C ARG B 29 20.38 -39.89 -11.05
N GLN B 30 20.58 -38.82 -10.29
CA GLN B 30 20.15 -37.49 -10.80
C GLN B 30 20.92 -37.10 -12.06
N VAL B 31 22.22 -37.32 -12.03
CA VAL B 31 23.07 -37.11 -13.23
C VAL B 31 22.55 -37.91 -14.40
N GLU B 32 22.39 -39.22 -14.22
CA GLU B 32 21.80 -40.03 -15.27
C GLU B 32 20.50 -39.48 -15.81
N HIS B 33 19.58 -39.14 -14.90
CA HIS B 33 18.29 -38.63 -15.26
C HIS B 33 18.39 -37.36 -16.09
N ILE B 34 19.28 -36.46 -15.75
CA ILE B 34 19.47 -35.27 -16.56
C ILE B 34 20.04 -35.58 -17.95
N LEU B 35 21.02 -36.47 -18.01
CA LEU B 35 21.55 -36.90 -19.32
C LEU B 35 20.48 -37.51 -20.24
N ARG B 36 19.60 -38.31 -19.65
CA ARG B 36 18.65 -39.14 -20.39
C ARG B 36 17.41 -38.31 -20.75
N CYS B 37 16.98 -37.44 -19.83
CA CYS B 37 15.65 -36.77 -19.87
C CYS B 37 15.70 -35.25 -19.84
N GLY B 38 16.88 -34.67 -19.66
CA GLY B 38 17.01 -33.24 -19.53
C GLY B 38 16.83 -32.58 -20.88
N PHE B 39 16.41 -31.33 -20.85
CA PHE B 39 16.35 -30.53 -22.07
C PHE B 39 17.51 -29.53 -22.19
N LYS B 40 17.85 -29.23 -23.45
CA LYS B 40 18.83 -28.22 -23.75
C LYS B 40 18.31 -26.83 -23.34
N LYS B 41 19.14 -26.15 -22.58
CA LYS B 41 18.86 -24.83 -22.02
C LYS B 41 20.13 -24.00 -22.04
N GLU B 42 20.04 -22.84 -22.70
CA GLU B 42 21.10 -21.91 -22.78
C GLU B 42 21.25 -21.24 -21.42
N ASP B 43 22.42 -20.70 -21.14
CA ASP B 43 22.67 -20.11 -19.83
C ASP B 43 23.50 -18.85 -19.82
N ARG B 44 23.51 -18.16 -18.67
CA ARG B 44 24.25 -16.94 -18.37
C ARG B 44 25.70 -16.96 -18.86
N THR B 45 26.37 -18.11 -18.73
CA THR B 45 27.78 -18.17 -19.03
C THR B 45 28.02 -18.39 -20.51
N GLY B 46 27.01 -18.75 -21.28
CA GLY B 46 27.13 -18.99 -22.75
C GLY B 46 27.58 -20.37 -23.12
N THR B 47 27.77 -21.24 -22.13
CA THR B 47 28.15 -22.59 -22.35
C THR B 47 27.06 -23.48 -22.89
N GLY B 48 25.85 -23.43 -22.32
CA GLY B 48 24.81 -24.35 -22.59
C GLY B 48 24.81 -25.50 -21.59
N THR B 49 23.60 -25.91 -21.27
CA THR B 49 23.34 -27.03 -20.39
C THR B 49 22.33 -28.03 -20.87
N LEU B 50 22.34 -29.22 -20.28
CA LEU B 50 21.10 -30.04 -20.18
C LEU B 50 20.50 -29.84 -18.79
N SER B 51 19.18 -29.67 -18.72
CA SER B 51 18.58 -29.19 -17.51
C SER B 51 17.25 -29.88 -17.19
N VAL B 52 17.01 -30.10 -15.88
CA VAL B 52 15.72 -30.50 -15.33
C VAL B 52 15.37 -29.49 -14.22
N PHE B 53 14.10 -29.07 -14.09
CA PHE B 53 13.70 -28.19 -13.06
C PHE B 53 12.93 -28.96 -11.94
N GLY B 54 13.47 -28.95 -10.73
CA GLY B 54 12.79 -29.59 -9.60
C GLY B 54 13.32 -31.00 -9.42
N MET B 55 14.21 -31.17 -8.45
CA MET B 55 14.68 -32.53 -8.07
C MET B 55 14.85 -32.54 -6.55
N GLN B 56 14.83 -33.75 -5.99
CA GLN B 56 15.07 -33.95 -4.54
C GLN B 56 15.73 -35.29 -4.28
N ALA B 57 16.69 -35.29 -3.40
CA ALA B 57 17.46 -36.45 -2.99
C ALA B 57 17.62 -36.40 -1.48
N ARG B 58 17.69 -37.57 -0.82
CA ARG B 58 17.88 -37.63 0.63
C ARG B 58 19.15 -38.39 0.93
N TYR B 59 20.04 -37.83 1.74
CA TYR B 59 21.28 -38.52 2.11
C TYR B 59 21.20 -38.74 3.59
N SER B 60 21.29 -40.01 4.04
CA SER B 60 21.38 -40.26 5.41
C SER B 60 22.75 -39.75 5.96
N LEU B 61 22.73 -39.19 7.16
CA LEU B 61 23.95 -38.77 7.86
C LEU B 61 24.28 -39.70 9.04
N ARG B 62 23.64 -40.86 9.08
CA ARG B 62 23.62 -41.66 10.34
C ARG B 62 24.78 -42.63 10.23
N ASP B 63 25.79 -42.31 10.99
CA ASP B 63 27.09 -42.98 10.99
C ASP B 63 27.76 -43.08 9.60
N GLU B 64 27.52 -42.04 8.77
CA GLU B 64 28.22 -41.96 7.50
C GLU B 64 28.18 -40.49 7.08
N PHE B 65 29.10 -40.14 6.20
CA PHE B 65 29.24 -38.77 5.73
C PHE B 65 29.31 -38.78 4.21
N PRO B 66 28.43 -37.99 3.57
CA PRO B 66 28.27 -38.14 2.07
C PRO B 66 29.25 -37.37 1.24
N LEU B 67 30.51 -37.77 1.29
CA LEU B 67 31.55 -37.29 0.43
C LEU B 67 31.72 -38.30 -0.67
N LEU B 68 31.42 -37.91 -1.91
CA LEU B 68 31.34 -38.86 -3.00
C LEU B 68 32.62 -39.68 -3.17
N THR B 69 32.47 -40.92 -3.53
CA THR B 69 33.57 -41.82 -3.82
C THR B 69 33.84 -42.07 -5.28
N THR B 70 32.89 -41.78 -6.18
CA THR B 70 33.15 -42.01 -7.60
C THR B 70 34.00 -40.95 -8.22
N LYS B 71 34.24 -39.86 -7.50
CA LYS B 71 35.32 -38.95 -7.80
C LYS B 71 35.70 -38.30 -6.48
N ARG B 72 36.97 -37.97 -6.32
CA ARG B 72 37.41 -37.40 -5.07
C ARG B 72 36.85 -35.95 -5.03
N VAL B 73 36.32 -35.59 -3.88
CA VAL B 73 35.73 -34.27 -3.70
C VAL B 73 36.73 -33.50 -2.83
N PHE B 74 36.69 -32.20 -2.98
CA PHE B 74 37.70 -31.27 -2.38
C PHE B 74 37.33 -30.93 -0.95
N TRP B 75 37.51 -31.92 -0.08
CA TRP B 75 37.17 -31.83 1.34
C TRP B 75 37.81 -30.67 2.08
N LYS B 76 39.09 -30.42 1.82
CA LYS B 76 39.77 -29.29 2.45
C LYS B 76 39.00 -28.03 2.15
N GLY B 77 38.56 -27.89 0.91
CA GLY B 77 37.83 -26.67 0.49
C GLY B 77 36.44 -26.55 1.13
N VAL B 78 35.80 -27.69 1.28
CA VAL B 78 34.46 -27.73 1.91
C VAL B 78 34.56 -27.23 3.34
N LEU B 79 35.51 -27.78 4.06
CA LEU B 79 35.72 -27.44 5.44
C LEU B 79 36.17 -25.97 5.56
N GLU B 80 37.18 -25.51 4.82
CA GLU B 80 37.62 -24.11 4.92
C GLU B 80 36.52 -23.14 4.54
N GLU B 81 35.79 -23.46 3.48
CA GLU B 81 34.71 -22.58 3.07
C GLU B 81 33.65 -22.41 4.14
N LEU B 82 33.22 -23.48 4.77
CA LEU B 82 32.18 -23.39 5.75
C LEU B 82 32.66 -22.62 7.00
N LEU B 83 33.92 -22.85 7.43
CA LEU B 83 34.43 -22.06 8.55
C LEU B 83 34.48 -20.58 8.18
N TRP B 84 34.80 -20.28 6.91
CA TRP B 84 34.83 -18.91 6.41
C TRP B 84 33.46 -18.20 6.41
N PHE B 85 32.43 -18.95 5.97
CA PHE B 85 31.04 -18.53 6.15
C PHE B 85 30.66 -18.22 7.59
N ILE B 86 31.01 -19.12 8.47
CA ILE B 86 30.69 -18.98 9.88
C ILE B 86 31.26 -17.74 10.48
N LYS B 87 32.48 -17.39 10.12
CA LYS B 87 33.13 -16.14 10.60
C LYS B 87 32.59 -14.87 9.96
N GLY B 88 31.66 -15.06 9.04
CA GLY B 88 30.89 -13.96 8.45
C GLY B 88 31.62 -13.36 7.26
N SER B 89 32.63 -14.06 6.73
CA SER B 89 33.55 -13.41 5.76
C SER B 89 32.86 -13.32 4.41
N THR B 90 33.14 -12.22 3.70
CA THR B 90 32.81 -12.10 2.25
C THR B 90 34.01 -11.72 1.40
N ASN B 91 35.18 -11.90 1.97
CA ASN B 91 36.44 -11.64 1.30
C ASN B 91 37.06 -12.91 0.75
N ALA B 92 36.96 -13.07 -0.56
CA ALA B 92 37.43 -14.22 -1.23
C ALA B 92 38.99 -14.45 -1.03
N LYS B 93 39.67 -13.35 -0.80
CA LYS B 93 41.14 -13.39 -0.58
C LYS B 93 41.48 -14.10 0.70
N GLU B 94 40.59 -13.98 1.69
CA GLU B 94 40.83 -14.61 3.00
C GLU B 94 40.73 -16.12 2.86
N LEU B 95 39.74 -16.60 2.11
CA LEU B 95 39.69 -18.04 1.80
C LEU B 95 40.83 -18.54 0.94
N SER B 96 41.23 -17.75 -0.05
CA SER B 96 42.28 -18.10 -0.95
C SER B 96 43.62 -18.29 -0.19
N SER B 97 43.78 -17.53 0.86
CA SER B 97 45.00 -17.57 1.72
C SER B 97 45.10 -18.94 2.41
N LYS B 98 43.97 -19.67 2.47
CA LYS B 98 43.95 -21.05 3.02
C LYS B 98 44.14 -22.12 1.97
N GLY B 99 44.48 -21.71 0.78
CA GLY B 99 44.70 -22.57 -0.35
C GLY B 99 43.38 -23.07 -0.97
N VAL B 100 42.35 -22.28 -0.78
CA VAL B 100 40.95 -22.62 -1.26
C VAL B 100 40.50 -21.44 -2.13
N ARG B 101 40.58 -21.69 -3.43
CA ARG B 101 40.48 -20.68 -4.50
C ARG B 101 39.14 -20.70 -5.21
N ILE B 102 38.17 -21.37 -4.63
CA ILE B 102 36.87 -21.59 -5.24
C ILE B 102 36.09 -20.29 -5.54
N TRP B 103 36.28 -19.21 -4.81
CA TRP B 103 35.60 -17.94 -4.99
C TRP B 103 36.44 -16.89 -5.65
N ASP B 104 37.68 -17.24 -6.04
CA ASP B 104 38.58 -16.23 -6.54
C ASP B 104 38.05 -15.65 -7.83
N ALA B 105 37.61 -16.52 -8.73
CA ALA B 105 37.11 -16.05 -10.09
C ALA B 105 35.99 -15.03 -9.92
N ASN B 106 35.08 -15.29 -8.98
N ASN B 106 35.08 -15.32 -9.00
CA ASN B 106 34.00 -14.36 -8.72
CA ASN B 106 33.95 -14.45 -8.72
C ASN B 106 34.33 -13.11 -8.01
C ASN B 106 34.33 -13.14 -8.02
N GLY B 107 35.49 -13.07 -7.36
CA GLY B 107 35.94 -11.84 -6.74
C GLY B 107 37.02 -11.10 -7.51
N SER B 108 37.35 -11.61 -8.68
CA SER B 108 38.41 -11.04 -9.50
C SER B 108 38.13 -9.62 -9.98
N ARG B 109 39.22 -8.87 -10.13
CA ARG B 109 39.15 -7.53 -10.67
C ARG B 109 38.29 -7.53 -11.95
N ASP B 110 38.52 -8.45 -12.89
CA ASP B 110 37.85 -8.40 -14.19
C ASP B 110 36.38 -8.82 -14.03
N PHE B 111 36.10 -9.76 -13.12
CA PHE B 111 34.69 -10.15 -12.91
C PHE B 111 33.90 -9.09 -12.27
N LEU B 112 34.48 -8.51 -11.21
CA LEU B 112 33.83 -7.44 -10.50
C LEU B 112 33.61 -6.32 -11.49
N ASP B 113 34.61 -5.99 -12.28
CA ASP B 113 34.39 -4.91 -13.25
C ASP B 113 33.22 -5.17 -14.22
N SER B 114 33.08 -6.43 -14.70
CA SER B 114 32.01 -6.85 -15.62
C SER B 114 30.63 -6.64 -15.07
N LEU B 115 30.53 -6.61 -13.74
CA LEU B 115 29.28 -6.40 -13.04
C LEU B 115 29.07 -4.98 -12.74
N GLY B 116 30.06 -4.17 -13.10
CA GLY B 116 29.99 -2.76 -12.81
C GLY B 116 30.51 -2.34 -11.46
N PHE B 117 31.28 -3.23 -10.80
CA PHE B 117 31.80 -2.96 -9.45
C PHE B 117 33.29 -2.54 -9.52
N SER B 118 33.55 -1.48 -10.28
CA SER B 118 34.86 -0.81 -10.40
C SER B 118 35.52 -0.35 -9.14
N ALA B 119 34.73 0.16 -8.25
CA ALA B 119 35.28 0.85 -7.13
C ALA B 119 35.53 -0.08 -5.92
N ARG B 120 35.12 -1.35 -5.97
CA ARG B 120 35.22 -2.12 -4.71
C ARG B 120 36.55 -2.86 -4.78
N GLN B 121 37.04 -3.35 -3.65
CA GLN B 121 38.32 -4.02 -3.69
C GLN B 121 38.23 -5.41 -4.29
N GLU B 122 39.29 -5.89 -4.93
CA GLU B 122 39.36 -7.24 -5.40
C GLU B 122 39.14 -8.19 -4.20
N GLY B 123 38.40 -9.26 -4.47
CA GLY B 123 37.96 -10.20 -3.45
C GLY B 123 36.61 -9.95 -2.79
N ASP B 124 36.06 -8.76 -2.90
CA ASP B 124 34.92 -8.37 -2.17
C ASP B 124 33.71 -8.90 -2.90
N LEU B 125 33.19 -10.03 -2.38
CA LEU B 125 32.04 -10.71 -3.02
C LEU B 125 30.71 -10.02 -2.83
N GLY B 126 30.69 -8.98 -2.03
CA GLY B 126 29.49 -8.30 -1.55
C GLY B 126 28.73 -9.08 -0.49
N PRO B 127 27.45 -8.68 -0.27
CA PRO B 127 26.73 -9.16 0.92
C PRO B 127 26.19 -10.62 0.70
N VAL B 128 27.07 -11.59 0.55
CA VAL B 128 26.74 -13.00 0.27
C VAL B 128 26.66 -13.78 1.60
N TYR B 129 26.79 -15.10 1.57
CA TYR B 129 26.40 -15.94 2.68
C TYR B 129 26.88 -15.49 4.03
N GLY B 130 28.19 -15.25 4.16
CA GLY B 130 28.74 -14.95 5.46
C GLY B 130 28.04 -13.78 6.08
N PHE B 131 27.74 -12.77 5.26
CA PHE B 131 27.11 -11.60 5.76
C PHE B 131 25.62 -11.84 6.01
N GLN B 132 24.93 -12.53 5.09
CA GLN B 132 23.50 -12.73 5.31
C GLN B 132 23.20 -13.70 6.46
N TRP B 133 24.05 -14.72 6.60
CA TRP B 133 23.80 -15.67 7.69
C TRP B 133 23.99 -15.07 9.10
N ARG B 134 24.87 -14.10 9.24
CA ARG B 134 25.22 -13.56 10.54
C ARG B 134 24.76 -12.17 10.77
N HIS B 135 24.36 -11.44 9.70
CA HIS B 135 24.01 -10.00 9.78
C HIS B 135 22.86 -9.62 8.84
N PHE B 136 21.90 -10.51 8.61
CA PHE B 136 20.83 -10.22 7.70
C PHE B 136 20.13 -8.91 8.01
N GLY B 137 20.01 -8.03 7.00
CA GLY B 137 19.33 -6.77 7.15
C GLY B 137 20.20 -5.59 7.45
N ALA B 138 21.44 -5.82 7.89
CA ALA B 138 22.40 -4.77 8.12
C ALA B 138 22.79 -4.14 6.77
N GLU B 139 23.30 -2.90 6.83
CA GLU B 139 23.66 -2.13 5.63
C GLU B 139 25.07 -2.51 5.25
N TYR B 140 25.25 -3.17 4.09
CA TYR B 140 26.56 -3.63 3.70
C TYR B 140 27.33 -2.40 3.28
N LYS B 141 28.61 -2.38 3.64
N LYS B 141 28.61 -2.37 3.66
CA LYS B 141 29.53 -1.30 3.30
CA LYS B 141 29.52 -1.30 3.29
C LYS B 141 30.61 -1.97 2.47
C LYS B 141 30.62 -1.95 2.45
N ASP B 142 31.60 -2.61 3.06
CA ASP B 142 32.54 -3.46 2.28
C ASP B 142 32.96 -4.69 3.09
N MET B 143 33.80 -5.53 2.51
CA MET B 143 34.17 -6.81 3.12
C MET B 143 35.00 -6.66 4.46
N ASP B 144 35.57 -5.47 4.66
CA ASP B 144 36.42 -5.18 5.85
C ASP B 144 35.67 -4.51 6.97
N SER B 145 34.43 -4.11 6.75
CA SER B 145 33.71 -3.34 7.76
C SER B 145 33.34 -4.23 8.94
N ASP B 146 33.23 -3.60 10.09
CA ASP B 146 32.86 -4.29 11.33
C ASP B 146 31.33 -4.27 11.37
N TYR B 147 30.70 -5.46 11.34
CA TYR B 147 29.26 -5.54 11.41
C TYR B 147 28.79 -6.14 12.73
N SER B 148 29.69 -6.25 13.72
CA SER B 148 29.28 -6.57 15.08
C SER B 148 27.97 -6.01 15.61
N GLY B 149 27.09 -6.91 16.05
CA GLY B 149 25.79 -6.52 16.58
C GLY B 149 24.78 -5.96 15.59
N GLN B 150 25.12 -5.94 14.31
CA GLN B 150 24.22 -5.45 13.26
C GLN B 150 23.48 -6.60 12.54
N GLY B 151 22.19 -6.42 12.32
CA GLY B 151 21.39 -7.38 11.55
C GLY B 151 21.09 -8.65 12.34
N VAL B 152 20.45 -9.61 11.68
CA VAL B 152 19.97 -10.80 12.35
C VAL B 152 21.01 -11.87 12.21
N ASP B 153 21.44 -12.43 13.36
CA ASP B 153 22.31 -13.54 13.35
C ASP B 153 21.47 -14.82 13.22
N GLN B 154 21.19 -15.20 11.97
CA GLN B 154 20.32 -16.35 11.71
C GLN B 154 20.89 -17.64 12.19
N LEU B 155 22.20 -17.78 12.07
CA LEU B 155 22.87 -19.01 12.43
C LEU B 155 22.76 -19.28 13.92
N GLN B 156 22.93 -18.25 14.71
CA GLN B 156 22.85 -18.45 16.18
C GLN B 156 21.43 -18.67 16.53
N LYS B 157 20.51 -17.99 15.83
CA LYS B 157 19.11 -18.13 16.13
C LYS B 157 18.67 -19.56 15.83
N VAL B 158 19.15 -20.17 14.76
CA VAL B 158 18.79 -21.57 14.46
C VAL B 158 19.27 -22.48 15.60
N ILE B 159 20.48 -22.20 16.06
CA ILE B 159 21.07 -23.02 17.14
C ILE B 159 20.21 -22.88 18.39
N ASP B 160 19.90 -21.66 18.76
CA ASP B 160 19.08 -21.35 19.97
C ASP B 160 17.70 -21.97 19.86
N THR B 161 17.07 -21.91 18.69
CA THR B 161 15.75 -22.55 18.53
C THR B 161 15.77 -24.08 18.61
N ILE B 162 16.78 -24.71 18.03
CA ILE B 162 16.94 -26.17 18.08
C ILE B 162 17.03 -26.59 19.59
N LYS B 163 17.76 -25.81 20.35
CA LYS B 163 17.93 -26.13 21.83
C LYS B 163 16.60 -25.97 22.62
N THR B 164 15.87 -24.89 22.38
CA THR B 164 14.70 -24.49 23.21
C THR B 164 13.38 -25.04 22.68
N ASN B 165 13.25 -25.19 21.35
CA ASN B 165 11.99 -25.63 20.79
C ASN B 165 12.26 -26.49 19.54
N PRO B 166 12.69 -27.73 19.74
CA PRO B 166 13.11 -28.48 18.58
C PRO B 166 11.97 -28.79 17.62
N ASP B 167 10.72 -28.70 18.07
CA ASP B 167 9.60 -28.90 17.22
C ASP B 167 9.32 -27.78 16.24
N ASP B 168 9.98 -26.65 16.41
CA ASP B 168 9.69 -25.43 15.66
C ASP B 168 9.78 -25.72 14.13
N ARG B 169 8.78 -25.29 13.39
CA ARG B 169 8.76 -25.46 11.90
C ARG B 169 9.23 -24.24 11.10
N ARG B 170 9.89 -23.34 11.79
CA ARG B 170 10.40 -22.10 11.22
C ARG B 170 11.93 -21.97 11.35
N ILE B 171 12.68 -23.07 11.48
CA ILE B 171 14.13 -23.10 11.77
C ILE B 171 14.85 -22.98 10.43
N ILE B 172 14.98 -21.73 10.00
CA ILE B 172 15.42 -21.44 8.62
C ILE B 172 16.60 -20.43 8.68
N MET B 173 17.57 -20.63 7.80
CA MET B 173 18.57 -19.68 7.46
C MET B 173 18.49 -19.38 5.97
N CYS B 174 18.37 -18.06 5.65
CA CYS B 174 18.09 -17.62 4.31
C CYS B 174 19.17 -16.63 3.89
N ALA B 175 19.90 -16.93 2.81
CA ALA B 175 20.82 -15.99 2.20
C ALA B 175 20.21 -15.14 1.07
N TRP B 176 19.03 -15.50 0.57
CA TRP B 176 18.38 -14.77 -0.49
C TRP B 176 17.82 -13.51 0.09
N ASN B 177 18.41 -12.38 -0.26
CA ASN B 177 17.98 -11.11 0.27
C ASN B 177 17.76 -10.24 -0.89
N PRO B 178 16.52 -10.11 -1.32
CA PRO B 178 16.24 -9.26 -2.50
C PRO B 178 16.77 -7.86 -2.48
N LYS B 179 16.80 -7.21 -1.33
CA LYS B 179 17.32 -5.89 -1.24
C LYS B 179 18.80 -5.81 -1.59
N ASP B 180 19.56 -6.81 -1.18
CA ASP B 180 21.04 -6.85 -1.35
C ASP B 180 21.53 -7.50 -2.61
N LEU B 181 20.66 -8.22 -3.34
N LEU B 181 20.63 -8.18 -3.33
CA LEU B 181 21.04 -8.91 -4.55
CA LEU B 181 20.97 -8.91 -4.52
C LEU B 181 21.91 -8.08 -5.52
C LEU B 181 21.86 -8.12 -5.52
N PRO B 182 21.53 -6.85 -5.79
CA PRO B 182 22.32 -6.07 -6.76
C PRO B 182 23.78 -5.80 -6.39
N LEU B 183 24.11 -5.96 -5.12
CA LEU B 183 25.49 -5.81 -4.69
C LEU B 183 26.26 -7.08 -4.66
N MET B 184 25.62 -8.22 -4.81
CA MET B 184 26.33 -9.53 -4.81
C MET B 184 27.08 -9.88 -6.08
N ALA B 185 28.32 -10.39 -5.97
CA ALA B 185 28.99 -10.89 -7.11
C ALA B 185 28.36 -12.14 -7.72
N LEU B 186 27.72 -12.98 -6.91
CA LEU B 186 26.94 -14.03 -7.43
C LEU B 186 25.75 -14.21 -6.48
N PRO B 187 24.53 -14.12 -6.98
CA PRO B 187 23.42 -14.33 -6.03
C PRO B 187 23.54 -15.74 -5.51
N PRO B 188 23.01 -15.98 -4.31
CA PRO B 188 23.39 -17.27 -3.74
C PRO B 188 22.72 -18.42 -4.44
N CYS B 189 23.48 -19.47 -4.70
CA CYS B 189 22.96 -20.72 -5.28
C CYS B 189 22.15 -21.45 -4.25
N HIS B 190 22.55 -21.30 -2.98
CA HIS B 190 21.82 -21.88 -1.82
C HIS B 190 21.00 -20.82 -1.18
N ALA B 191 19.78 -20.76 -1.61
CA ALA B 191 18.92 -19.70 -1.24
C ALA B 191 18.46 -19.78 0.18
N LEU B 192 18.17 -20.99 0.67
CA LEU B 192 17.79 -21.11 2.09
C LEU B 192 17.93 -22.56 2.51
N CYS B 193 18.05 -22.78 3.81
CA CYS B 193 18.00 -24.11 4.39
C CYS B 193 17.08 -24.10 5.61
N GLN B 194 16.54 -25.27 5.91
CA GLN B 194 15.65 -25.45 7.03
C GLN B 194 16.12 -26.65 7.79
N PHE B 195 16.02 -26.54 9.11
CA PHE B 195 16.37 -27.64 10.01
C PHE B 195 15.09 -28.19 10.68
N TYR B 196 15.20 -29.45 11.17
CA TYR B 196 14.05 -30.18 11.67
C TYR B 196 14.58 -31.17 12.64
N VAL B 197 13.79 -31.37 13.72
CA VAL B 197 14.17 -32.32 14.76
C VAL B 197 13.01 -33.29 15.03
N VAL B 198 13.33 -34.56 14.97
CA VAL B 198 12.42 -35.64 15.48
C VAL B 198 13.27 -36.81 16.00
N ASN B 199 12.78 -37.51 17.03
CA ASN B 199 13.50 -38.65 17.55
C ASN B 199 15.00 -38.45 17.81
N GLY B 200 15.32 -37.30 18.39
CA GLY B 200 16.69 -36.97 18.76
C GLY B 200 17.63 -36.76 17.59
N GLU B 201 17.07 -36.66 16.38
CA GLU B 201 17.90 -36.47 15.13
C GLU B 201 17.66 -35.09 14.52
N LEU B 202 18.74 -34.47 14.06
CA LEU B 202 18.66 -33.18 13.34
C LEU B 202 18.82 -33.44 11.87
N SER B 203 17.85 -32.95 11.12
CA SER B 203 17.92 -33.00 9.65
C SER B 203 17.96 -31.56 9.11
N CYS B 204 18.40 -31.47 7.86
CA CYS B 204 18.56 -30.21 7.15
C CYS B 204 18.06 -30.38 5.70
N GLN B 205 17.34 -29.37 5.17
CA GLN B 205 16.94 -29.38 3.79
C GLN B 205 17.51 -28.14 3.15
N LEU B 206 18.19 -28.28 2.00
CA LEU B 206 18.72 -27.13 1.29
C LEU B 206 17.83 -26.88 0.11
N TYR B 207 17.42 -25.61 -0.11
CA TYR B 207 16.84 -25.21 -1.41
C TYR B 207 17.96 -24.56 -2.24
N GLN B 208 18.44 -25.30 -3.23
CA GLN B 208 19.50 -24.86 -4.11
C GLN B 208 18.84 -24.46 -5.44
N ARG B 209 18.79 -23.15 -5.70
CA ARG B 209 18.12 -22.66 -6.90
C ARG B 209 18.74 -23.09 -8.23
N SER B 210 20.00 -23.44 -8.19
CA SER B 210 20.81 -23.65 -9.42
C SER B 210 21.95 -24.56 -9.04
N GLY B 211 22.05 -25.73 -9.68
CA GLY B 211 23.02 -26.71 -9.33
C GLY B 211 23.82 -27.19 -10.49
N ASP B 212 25.11 -26.89 -10.49
CA ASP B 212 26.05 -27.38 -11.50
C ASP B 212 26.37 -28.77 -11.08
N MET B 213 25.80 -29.77 -11.71
CA MET B 213 25.85 -31.12 -11.16
C MET B 213 27.25 -31.68 -11.15
N GLY B 214 28.05 -31.33 -12.13
CA GLY B 214 29.45 -31.81 -12.12
C GLY B 214 30.42 -31.20 -11.13
N LEU B 215 30.28 -29.90 -10.88
CA LEU B 215 31.26 -29.18 -10.05
C LEU B 215 30.73 -28.87 -8.67
N GLY B 216 29.81 -27.96 -8.59
CA GLY B 216 29.43 -27.41 -7.30
C GLY B 216 28.65 -28.42 -6.48
N VAL B 217 27.70 -29.15 -7.10
CA VAL B 217 26.73 -29.95 -6.31
C VAL B 217 27.40 -30.99 -5.36
N PRO B 218 28.37 -31.80 -5.82
CA PRO B 218 29.03 -32.71 -4.84
C PRO B 218 29.66 -32.01 -3.63
N PHE B 219 30.25 -30.83 -3.86
CA PHE B 219 30.87 -30.04 -2.82
C PHE B 219 29.82 -29.46 -1.89
N ASN B 220 28.73 -29.01 -2.50
CA ASN B 220 27.59 -28.43 -1.79
C ASN B 220 26.92 -29.46 -0.85
N ILE B 221 26.78 -30.69 -1.30
CA ILE B 221 26.14 -31.76 -0.44
C ILE B 221 27.01 -31.97 0.80
N ALA B 222 28.32 -32.03 0.56
CA ALA B 222 29.30 -32.23 1.65
C ALA B 222 29.25 -31.04 2.62
N SER B 223 29.13 -29.85 2.07
CA SER B 223 29.04 -28.64 2.87
C SER B 223 27.86 -28.60 3.86
N TYR B 224 26.65 -28.93 3.39
CA TYR B 224 25.48 -28.92 4.23
C TYR B 224 25.44 -30.11 5.17
N ALA B 225 25.98 -31.25 4.73
CA ALA B 225 26.17 -32.41 5.65
C ALA B 225 27.07 -32.01 6.80
N LEU B 226 28.14 -31.29 6.48
CA LEU B 226 29.09 -30.83 7.54
C LEU B 226 28.43 -29.85 8.45
N LEU B 227 27.69 -28.88 7.93
CA LEU B 227 26.99 -27.92 8.77
C LEU B 227 26.01 -28.61 9.71
N THR B 228 25.33 -29.61 9.18
CA THR B 228 24.39 -30.39 10.00
C THR B 228 25.15 -31.14 11.16
N TYR B 229 26.27 -31.75 10.83
CA TYR B 229 27.13 -32.43 11.87
C TYR B 229 27.54 -31.39 12.92
N MET B 230 27.96 -30.22 12.49
CA MET B 230 28.37 -29.20 13.43
C MET B 230 27.24 -28.73 14.37
N ILE B 231 26.07 -28.42 13.81
CA ILE B 231 24.97 -27.98 14.61
C ILE B 231 24.49 -29.15 15.50
N ALA B 232 24.49 -30.37 14.94
CA ALA B 232 24.07 -31.51 15.80
C ALA B 232 24.96 -31.61 17.01
N HIS B 233 26.26 -31.44 16.79
CA HIS B 233 27.27 -31.52 17.88
C HIS B 233 26.99 -30.49 19.01
N ILE B 234 26.70 -29.25 18.63
CA ILE B 234 26.51 -28.15 19.52
C ILE B 234 25.21 -28.25 20.28
N THR B 235 24.19 -28.87 19.68
CA THR B 235 22.82 -29.00 20.27
C THR B 235 22.59 -30.34 20.92
N GLY B 236 23.58 -31.24 20.89
CA GLY B 236 23.46 -32.53 21.56
C GLY B 236 22.51 -33.50 20.91
N LEU B 237 22.34 -33.36 19.57
CA LEU B 237 21.57 -34.27 18.73
C LEU B 237 22.43 -35.12 17.83
N GLN B 238 21.80 -36.11 17.21
CA GLN B 238 22.48 -36.93 16.26
C GLN B 238 22.09 -36.44 14.86
N PRO B 239 23.04 -36.50 13.91
CA PRO B 239 22.66 -36.22 12.50
C PRO B 239 21.67 -37.17 11.96
N GLY B 240 20.69 -36.63 11.23
CA GLY B 240 19.61 -37.38 10.61
C GLY B 240 19.74 -37.52 9.15
N ASP B 241 18.96 -36.70 8.39
CA ASP B 241 19.05 -36.71 6.91
C ASP B 241 19.42 -35.31 6.42
N PHE B 242 20.17 -35.31 5.32
CA PHE B 242 20.34 -34.13 4.47
C PHE B 242 19.43 -34.32 3.22
N VAL B 243 18.48 -33.43 3.09
CA VAL B 243 17.57 -33.38 1.93
C VAL B 243 17.99 -32.27 1.00
N HIS B 244 18.31 -32.65 -0.21
CA HIS B 244 18.84 -31.74 -1.20
C HIS B 244 17.76 -31.48 -2.23
N THR B 245 17.23 -30.26 -2.25
CA THR B 245 16.25 -29.86 -3.25
C THR B 245 16.92 -28.91 -4.24
N LEU B 246 16.65 -29.14 -5.51
CA LEU B 246 17.22 -28.36 -6.61
C LEU B 246 16.10 -27.71 -7.41
N GLY B 247 16.35 -26.47 -7.79
CA GLY B 247 15.61 -25.77 -8.83
C GLY B 247 16.12 -26.18 -10.22
N ASP B 248 16.92 -25.34 -10.87
CA ASP B 248 17.53 -25.70 -12.15
C ASP B 248 18.76 -26.61 -11.92
N ALA B 249 18.54 -27.92 -12.01
CA ALA B 249 19.55 -28.95 -11.94
C ALA B 249 20.13 -29.14 -13.31
N HIS B 250 21.41 -28.86 -13.51
CA HIS B 250 21.97 -28.82 -14.87
C HIS B 250 23.35 -29.42 -15.02
N ILE B 251 23.63 -29.93 -16.22
CA ILE B 251 24.92 -30.42 -16.58
C ILE B 251 25.39 -29.50 -17.71
N TYR B 252 26.52 -28.86 -17.50
CA TYR B 252 27.17 -28.07 -18.55
C TYR B 252 27.67 -28.99 -19.66
N LEU B 253 27.60 -28.53 -20.90
CA LEU B 253 27.90 -29.37 -22.00
C LEU B 253 29.30 -30.00 -21.93
N ASN B 254 30.27 -29.27 -21.40
CA ASN B 254 31.68 -29.71 -21.31
C ASN B 254 31.91 -30.64 -20.08
N HIS B 255 30.85 -30.93 -19.35
CA HIS B 255 30.87 -31.92 -18.26
C HIS B 255 30.27 -33.23 -18.65
N ILE B 256 29.66 -33.32 -19.83
CA ILE B 256 28.93 -34.53 -20.23
C ILE B 256 29.86 -35.73 -20.30
N GLU B 257 30.96 -35.58 -21.04
CA GLU B 257 31.92 -36.70 -21.09
C GLU B 257 32.58 -37.12 -19.76
N PRO B 258 33.02 -36.17 -18.93
CA PRO B 258 33.58 -36.46 -17.61
C PRO B 258 32.55 -37.21 -16.74
N LEU B 259 31.30 -36.71 -16.74
CA LEU B 259 30.23 -37.40 -15.95
C LEU B 259 29.93 -38.78 -16.46
N LYS B 260 30.01 -38.99 -17.77
CA LYS B 260 29.81 -40.30 -18.32
C LYS B 260 30.90 -41.28 -17.87
N ILE B 261 32.13 -40.81 -17.65
CA ILE B 261 33.18 -41.62 -17.01
C ILE B 261 32.81 -41.94 -15.59
N GLN B 262 32.35 -40.92 -14.85
CA GLN B 262 32.00 -41.12 -13.50
C GLN B 262 30.85 -42.13 -13.30
N LEU B 263 29.88 -42.12 -14.16
CA LEU B 263 28.69 -42.97 -13.97
C LEU B 263 29.06 -44.44 -14.16
N GLN B 264 30.22 -44.70 -14.74
CA GLN B 264 30.64 -46.09 -14.88
C GLN B 264 31.53 -46.63 -13.79
N ARG B 265 31.79 -45.82 -12.75
CA ARG B 265 32.70 -46.21 -11.68
C ARG B 265 31.89 -46.82 -10.56
N GLU B 266 32.42 -47.82 -9.89
CA GLU B 266 31.75 -48.43 -8.76
C GLU B 266 31.90 -47.60 -7.47
N PRO B 267 30.80 -47.18 -6.87
CA PRO B 267 30.89 -46.47 -5.62
C PRO B 267 31.47 -47.36 -4.53
N ARG B 268 32.16 -46.73 -3.59
CA ARG B 268 32.68 -47.33 -2.40
C ARG B 268 31.86 -46.81 -1.19
N PRO B 269 31.94 -47.50 -0.05
CA PRO B 269 31.14 -46.94 1.04
C PRO B 269 31.63 -45.55 1.44
N PHE B 270 30.69 -44.70 1.83
CA PHE B 270 31.01 -43.38 2.34
C PHE B 270 31.96 -43.44 3.53
N PRO B 271 32.81 -42.41 3.68
CA PRO B 271 33.57 -42.21 4.91
C PRO B 271 32.71 -41.84 6.12
N LYS B 272 33.38 -41.65 7.25
CA LYS B 272 32.76 -41.16 8.44
C LYS B 272 33.40 -39.83 8.76
N LEU B 273 32.71 -38.97 9.47
CA LEU B 273 33.28 -37.77 9.95
C LEU B 273 33.31 -37.84 11.47
N LYS B 274 34.49 -37.57 12.03
CA LYS B 274 34.67 -37.45 13.48
C LYS B 274 34.96 -36.05 13.90
N ILE B 275 34.27 -35.64 14.97
CA ILE B 275 34.58 -34.39 15.66
C ILE B 275 35.45 -34.72 16.89
N LEU B 276 36.63 -34.11 16.93
CA LEU B 276 37.69 -34.63 17.81
C LEU B 276 37.69 -34.07 19.23
N ARG B 277 36.78 -33.14 19.53
CA ARG B 277 36.63 -32.66 20.89
C ARG B 277 35.26 -32.12 21.09
N LYS B 278 34.94 -31.83 22.34
CA LYS B 278 33.68 -31.21 22.66
C LYS B 278 33.77 -29.73 22.39
N VAL B 279 32.99 -29.28 21.40
CA VAL B 279 32.87 -27.85 21.06
C VAL B 279 31.53 -27.32 21.53
N GLU B 280 31.53 -26.15 22.15
CA GLU B 280 30.30 -25.64 22.78
C GLU B 280 29.58 -24.60 21.93
N THR B 281 30.32 -23.87 21.08
CA THR B 281 29.71 -22.83 20.27
C THR B 281 30.16 -22.92 18.81
N ILE B 282 29.33 -22.48 17.90
CA ILE B 282 29.61 -22.65 16.47
C ILE B 282 30.87 -21.91 16.02
N ASP B 283 31.13 -20.76 16.58
CA ASP B 283 32.32 -19.96 16.23
C ASP B 283 33.62 -20.54 16.76
N ASP B 284 33.56 -21.54 17.66
CA ASP B 284 34.76 -22.16 18.21
C ASP B 284 35.28 -23.31 17.41
N PHE B 285 34.53 -23.80 16.43
CA PHE B 285 35.07 -24.82 15.55
C PHE B 285 36.30 -24.35 14.79
N LYS B 286 37.24 -25.27 14.64
CA LYS B 286 38.49 -25.11 13.90
C LYS B 286 38.79 -26.28 13.01
N VAL B 287 39.63 -26.07 11.99
CA VAL B 287 39.92 -27.11 11.06
C VAL B 287 40.42 -28.40 11.69
N GLU B 288 41.25 -28.24 12.75
CA GLU B 288 41.83 -29.38 13.52
C GLU B 288 40.83 -30.19 14.29
N ASP B 289 39.62 -29.66 14.49
CA ASP B 289 38.54 -30.45 15.14
C ASP B 289 37.89 -31.58 14.35
N PHE B 290 38.20 -31.70 13.06
CA PHE B 290 37.53 -32.65 12.18
C PHE B 290 38.45 -33.65 11.59
N GLN B 291 37.94 -34.85 11.41
N GLN B 291 38.03 -34.90 11.47
CA GLN B 291 38.65 -35.98 10.88
CA GLN B 291 38.78 -35.90 10.75
C GLN B 291 37.76 -36.82 9.98
C GLN B 291 37.82 -36.79 9.98
N ILE B 292 38.07 -36.90 8.68
CA ILE B 292 37.36 -37.80 7.76
C ILE B 292 38.09 -39.14 7.85
N GLU B 293 37.36 -40.20 8.11
CA GLU B 293 37.91 -41.53 8.23
C GLU B 293 37.39 -42.42 7.16
N GLY B 294 38.30 -43.19 6.55
CA GLY B 294 37.92 -44.23 5.66
C GLY B 294 37.41 -43.68 4.32
N TYR B 295 38.02 -42.63 3.84
CA TYR B 295 37.59 -42.07 2.55
C TYR B 295 38.49 -42.65 1.47
N ASN B 296 37.85 -43.43 0.60
N ASN B 296 37.99 -43.51 0.62
CA ASN B 296 38.49 -44.22 -0.43
CA ASN B 296 38.84 -44.03 -0.48
C ASN B 296 37.96 -43.88 -1.86
C ASN B 296 38.08 -43.84 -1.78
N PRO B 297 38.12 -42.62 -2.32
CA PRO B 297 37.55 -42.29 -3.60
C PRO B 297 38.36 -42.74 -4.78
N HIS B 298 37.67 -42.86 -5.91
CA HIS B 298 38.32 -42.92 -7.20
C HIS B 298 38.95 -41.61 -7.48
N PRO B 299 39.82 -41.57 -8.50
CA PRO B 299 40.50 -40.32 -8.75
C PRO B 299 39.61 -39.10 -9.12
N THR B 300 40.13 -37.94 -8.80
CA THR B 300 39.60 -36.67 -9.33
C THR B 300 39.27 -36.72 -10.81
N ILE B 301 38.14 -36.14 -11.22
CA ILE B 301 37.86 -35.89 -12.64
C ILE B 301 37.70 -34.39 -12.76
N LYS B 302 38.52 -33.78 -13.59
CA LYS B 302 38.46 -32.34 -13.81
C LYS B 302 37.14 -31.93 -14.48
N MET B 303 36.43 -31.02 -13.84
CA MET B 303 35.19 -30.44 -14.34
C MET B 303 35.45 -28.96 -14.43
N GLU B 304 35.57 -28.37 -15.58
CA GLU B 304 36.01 -26.94 -15.54
C GLU B 304 34.88 -26.02 -14.97
N MET B 305 35.21 -24.86 -14.43
CA MET B 305 34.17 -23.90 -13.99
C MET B 305 33.83 -22.97 -15.13
N ALA B 306 32.56 -22.88 -15.45
CA ALA B 306 32.08 -21.96 -16.47
C ALA B 306 32.10 -20.60 -15.82
N VAL B 307 32.58 -19.55 -16.48
CA VAL B 307 32.65 -18.27 -15.72
C VAL B 307 31.73 -17.24 -16.37
N MET C 1 -33.84 50.95 11.47
CA MET C 1 -32.38 50.84 11.74
C MET C 1 -31.96 49.49 12.39
N LEU C 2 -31.14 48.68 11.69
CA LEU C 2 -30.37 47.63 12.37
C LEU C 2 -29.44 48.26 13.42
N VAL C 3 -29.58 47.86 14.69
CA VAL C 3 -28.69 48.35 15.75
C VAL C 3 -27.92 47.16 16.31
N VAL C 4 -26.69 47.42 16.75
CA VAL C 4 -25.79 46.34 17.15
C VAL C 4 -24.98 46.75 18.35
N GLY C 5 -24.39 45.76 19.01
CA GLY C 5 -23.43 46.01 20.06
C GLY C 5 -22.22 46.79 19.58
N SER C 6 -21.75 47.71 20.45
CA SER C 6 -20.65 48.63 20.08
C SER C 6 -19.30 47.96 19.77
N GLU C 7 -19.10 46.72 20.25
N GLU C 7 -19.10 46.73 20.25
CA GLU C 7 -17.82 46.06 20.05
CA GLU C 7 -17.82 46.05 20.08
C GLU C 7 -17.62 45.37 18.71
C GLU C 7 -17.63 45.39 18.71
N LEU C 8 -18.70 45.19 17.95
CA LEU C 8 -18.57 44.63 16.59
C LEU C 8 -17.71 45.57 15.73
N GLN C 9 -17.94 46.88 15.87
CA GLN C 9 -17.18 47.87 15.07
C GLN C 9 -17.24 47.52 13.57
N SER C 10 -16.11 47.36 12.89
CA SER C 10 -16.19 47.06 11.46
C SER C 10 -16.54 45.58 11.23
N ASP C 11 -17.56 45.30 10.42
CA ASP C 11 -17.96 43.90 10.15
C ASP C 11 -17.26 43.28 8.91
N ALA C 12 -16.32 44.01 8.33
CA ALA C 12 -15.59 43.60 7.11
C ALA C 12 -14.64 42.47 7.39
N GLN C 13 -14.58 41.53 6.44
N GLN C 13 -14.58 41.51 6.46
CA GLN C 13 -13.62 40.45 6.49
CA GLN C 13 -13.81 40.28 6.64
C GLN C 13 -12.35 40.91 5.79
C GLN C 13 -12.29 40.53 6.71
N ARG C 21 -11.40 42.01 19.10
CA ARG C 21 -10.60 41.17 19.99
C ARG C 21 -11.15 39.73 20.08
N HIS C 22 -12.44 39.63 20.40
N HIS C 22 -12.44 39.63 20.36
CA HIS C 22 -13.10 38.35 20.63
CA HIS C 22 -13.08 38.34 20.62
C HIS C 22 -13.12 37.48 19.37
C HIS C 22 -13.11 37.48 19.37
N GLY C 23 -12.89 36.18 19.53
CA GLY C 23 -13.23 35.26 18.49
C GLY C 23 -14.71 35.39 18.16
N GLU C 24 -15.56 35.49 19.19
CA GLU C 24 -17.00 35.55 18.93
C GLU C 24 -17.40 36.71 18.09
N LEU C 25 -16.65 37.82 18.21
CA LEU C 25 -16.95 38.98 17.36
C LEU C 25 -16.80 38.67 15.88
N GLN C 26 -15.98 37.70 15.50
CA GLN C 26 -15.91 37.34 14.06
C GLN C 26 -17.25 36.85 13.57
N TYR C 27 -17.88 35.98 14.37
CA TYR C 27 -19.17 35.42 14.04
C TYR C 27 -20.25 36.49 13.97
N LEU C 28 -20.32 37.37 14.99
CA LEU C 28 -21.32 38.39 15.01
C LEU C 28 -21.23 39.36 13.83
N ARG C 29 -19.98 39.61 13.45
CA ARG C 29 -19.65 40.45 12.31
C ARG C 29 -20.15 39.80 11.00
N GLN C 30 -20.04 38.47 10.88
CA GLN C 30 -20.68 37.81 9.76
C GLN C 30 -22.14 37.94 9.67
N VAL C 31 -22.81 37.75 10.80
CA VAL C 31 -24.24 37.91 10.84
C VAL C 31 -24.60 39.34 10.47
N GLU C 32 -23.83 40.28 11.01
CA GLU C 32 -24.10 41.71 10.74
C GLU C 32 -23.91 41.96 9.26
N HIS C 33 -22.85 41.39 8.69
CA HIS C 33 -22.58 41.56 7.27
C HIS C 33 -23.68 41.01 6.43
N ILE C 34 -24.19 39.82 6.77
CA ILE C 34 -25.27 39.28 5.99
C ILE C 34 -26.53 40.13 6.09
N LEU C 35 -26.83 40.61 7.28
CA LEU C 35 -28.02 41.45 7.39
C LEU C 35 -27.87 42.74 6.59
N ARG C 36 -26.69 43.34 6.70
CA ARG C 36 -26.40 44.66 6.12
C ARG C 36 -26.17 44.58 4.60
N CYS C 37 -25.62 43.47 4.10
CA CYS C 37 -25.17 43.39 2.69
C CYS C 37 -25.62 42.15 1.96
N GLY C 38 -26.30 41.23 2.64
CA GLY C 38 -26.77 40.00 2.00
C GLY C 38 -27.86 40.27 1.00
N PHE C 39 -28.09 39.30 0.12
CA PHE C 39 -29.09 39.41 -0.95
C PHE C 39 -30.21 38.42 -0.67
N LYS C 40 -31.43 38.80 -1.02
CA LYS C 40 -32.55 37.89 -0.86
C LYS C 40 -32.39 36.74 -1.85
N LYS C 41 -32.60 35.54 -1.33
CA LYS C 41 -32.45 34.35 -2.13
C LYS C 41 -33.47 33.38 -1.58
N GLU C 42 -34.32 32.89 -2.45
CA GLU C 42 -35.22 31.78 -2.14
C GLU C 42 -34.37 30.54 -1.92
N ASP C 43 -34.76 29.70 -0.97
CA ASP C 43 -34.05 28.44 -0.80
C ASP C 43 -34.97 27.30 -1.16
N ARG C 44 -34.39 26.10 -1.27
CA ARG C 44 -35.13 24.84 -1.28
C ARG C 44 -36.64 24.92 -0.98
N THR C 45 -36.97 25.20 0.29
CA THR C 45 -38.34 25.06 0.81
C THR C 45 -39.30 26.19 0.38
N GLY C 46 -38.76 27.19 -0.32
CA GLY C 46 -39.52 28.41 -0.67
C GLY C 46 -39.51 29.44 0.45
N THR C 47 -39.04 29.03 1.64
CA THR C 47 -38.99 29.88 2.86
C THR C 47 -38.49 31.32 2.67
N GLY C 48 -37.23 31.46 2.25
CA GLY C 48 -36.58 32.78 2.04
C GLY C 48 -35.33 32.94 2.91
N THR C 49 -34.24 33.46 2.35
CA THR C 49 -33.02 33.74 3.11
C THR C 49 -32.36 35.02 2.65
N LEU C 50 -31.54 35.60 3.52
CA LEU C 50 -30.55 36.59 3.11
C LEU C 50 -29.26 35.81 3.09
N SER C 51 -28.42 36.06 2.08
CA SER C 51 -27.32 35.17 1.70
C SER C 51 -26.12 35.97 1.19
N VAL C 52 -24.93 35.52 1.60
CA VAL C 52 -23.64 35.92 1.04
C VAL C 52 -22.95 34.64 0.61
N PHE C 53 -22.21 34.67 -0.49
CA PHE C 53 -21.47 33.50 -0.91
C PHE C 53 -19.98 33.73 -0.64
N GLY C 54 -19.38 32.88 0.20
CA GLY C 54 -17.98 32.98 0.45
C GLY C 54 -17.67 33.87 1.65
N MET C 55 -17.41 33.24 2.81
CA MET C 55 -16.87 33.93 4.01
C MET C 55 -15.81 33.11 4.65
N GLN C 56 -15.06 33.77 5.52
CA GLN C 56 -14.07 33.12 6.25
C GLN C 56 -13.80 33.83 7.55
N ALA C 57 -13.71 33.05 8.61
CA ALA C 57 -13.33 33.55 9.96
C ALA C 57 -12.31 32.66 10.60
N ARG C 58 -11.59 33.21 11.55
CA ARG C 58 -10.51 32.52 12.22
C ARG C 58 -10.75 32.63 13.73
N TYR C 59 -10.75 31.49 14.41
CA TYR C 59 -11.03 31.39 15.85
C TYR C 59 -9.84 30.79 16.52
N SER C 60 -9.20 31.56 17.37
CA SER C 60 -8.06 31.10 18.15
C SER C 60 -8.50 29.98 19.12
N LEU C 61 -7.68 28.97 19.26
CA LEU C 61 -7.92 27.86 20.21
C LEU C 61 -6.97 27.82 21.39
N ARG C 62 -6.22 28.89 21.54
CA ARG C 62 -5.12 28.94 22.46
C ARG C 62 -5.65 29.38 23.82
N ASP C 63 -5.64 28.45 24.77
N ASP C 63 -5.57 28.49 24.81
CA ASP C 63 -6.06 28.69 26.16
CA ASP C 63 -6.07 28.70 26.18
C ASP C 63 -7.52 29.21 26.25
C ASP C 63 -7.50 29.25 26.23
N GLU C 64 -8.30 28.86 25.24
CA GLU C 64 -9.72 29.09 25.22
C GLU C 64 -10.40 28.25 24.18
N PHE C 65 -11.69 28.08 24.39
CA PHE C 65 -12.57 27.31 23.53
C PHE C 65 -13.82 28.06 22.97
N PRO C 66 -14.05 28.05 21.61
CA PRO C 66 -15.05 28.95 20.95
C PRO C 66 -16.43 28.43 20.92
N LEU C 67 -17.02 28.31 22.13
CA LEU C 67 -18.39 27.95 22.26
C LEU C 67 -19.16 29.27 22.46
N LEU C 68 -20.08 29.61 21.57
CA LEU C 68 -20.54 31.01 21.53
C LEU C 68 -21.35 31.32 22.79
N THR C 69 -21.22 32.56 23.21
CA THR C 69 -21.84 33.06 24.41
C THR C 69 -23.04 33.98 24.19
N THR C 70 -23.25 34.52 23.01
CA THR C 70 -24.40 35.41 22.82
C THR C 70 -25.68 34.64 22.65
N LYS C 71 -25.59 33.34 22.42
CA LYS C 71 -26.71 32.41 22.50
C LYS C 71 -26.14 31.07 22.89
N ARG C 72 -26.77 30.38 23.85
CA ARG C 72 -26.28 29.08 24.28
C ARG C 72 -26.22 28.10 23.10
N VAL C 73 -25.12 27.34 23.08
CA VAL C 73 -24.93 26.32 22.15
C VAL C 73 -25.01 24.93 22.92
N PHE C 74 -25.57 24.02 22.21
CA PHE C 74 -25.79 22.64 22.70
C PHE C 74 -24.52 21.77 22.71
N TRP C 75 -23.66 22.03 23.68
CA TRP C 75 -22.35 21.45 23.90
C TRP C 75 -22.41 19.97 24.10
N LYS C 76 -23.35 19.55 24.97
CA LYS C 76 -23.63 18.11 25.10
C LYS C 76 -23.85 17.43 23.78
N GLY C 77 -24.67 18.02 22.90
CA GLY C 77 -24.89 17.52 21.56
C GLY C 77 -23.60 17.58 20.66
N VAL C 78 -22.86 18.66 20.76
CA VAL C 78 -21.59 18.77 19.99
C VAL C 78 -20.72 17.56 20.34
N LEU C 79 -20.57 17.35 21.66
CA LEU C 79 -19.64 16.39 22.21
C LEU C 79 -20.06 14.96 21.87
N GLU C 80 -21.34 14.62 22.09
CA GLU C 80 -21.83 13.27 21.78
C GLU C 80 -21.90 13.00 20.30
N GLU C 81 -22.26 14.01 19.49
CA GLU C 81 -22.33 13.82 18.06
C GLU C 81 -20.88 13.50 17.50
N LEU C 82 -19.88 14.23 17.99
CA LEU C 82 -18.48 14.04 17.48
C LEU C 82 -17.98 12.66 17.93
N LEU C 83 -18.17 12.28 19.22
CA LEU C 83 -17.79 10.89 19.68
C LEU C 83 -18.53 9.81 18.87
N TRP C 84 -19.74 10.14 18.46
CA TRP C 84 -20.49 9.29 17.60
C TRP C 84 -19.86 9.14 16.23
N PHE C 85 -19.54 10.25 15.56
CA PHE C 85 -18.75 10.21 14.32
C PHE C 85 -17.48 9.35 14.46
N ILE C 86 -16.75 9.50 15.55
CA ILE C 86 -15.45 8.85 15.75
C ILE C 86 -15.57 7.37 15.82
N LYS C 87 -16.61 6.89 16.55
CA LYS C 87 -16.83 5.44 16.59
C LYS C 87 -17.43 4.90 15.30
N GLY C 88 -17.72 5.76 14.33
CA GLY C 88 -18.12 5.32 12.99
C GLY C 88 -19.60 5.03 12.79
N SER C 89 -20.42 5.41 13.79
CA SER C 89 -21.85 5.04 13.75
C SER C 89 -22.57 5.76 12.63
N THR C 90 -23.48 5.06 11.95
CA THR C 90 -24.46 5.67 11.04
C THR C 90 -25.90 5.40 11.54
N ASN C 91 -26.03 5.15 12.82
CA ASN C 91 -27.34 4.81 13.39
C ASN C 91 -27.83 5.96 14.22
N ALA C 92 -28.84 6.69 13.78
CA ALA C 92 -29.42 7.76 14.68
C ALA C 92 -29.69 7.35 16.13
N LYS C 93 -30.09 6.07 16.37
CA LYS C 93 -30.51 5.64 17.71
C LYS C 93 -29.42 5.61 18.73
N GLU C 94 -28.20 5.33 18.27
N GLU C 94 -28.21 5.32 18.25
CA GLU C 94 -27.06 5.26 19.19
CA GLU C 94 -27.04 5.28 19.10
C GLU C 94 -26.72 6.65 19.68
C GLU C 94 -26.74 6.65 19.68
N LEU C 95 -27.04 7.66 18.89
CA LEU C 95 -26.84 9.07 19.30
C LEU C 95 -27.96 9.53 20.28
N SER C 96 -29.18 9.39 19.78
CA SER C 96 -30.38 9.52 20.66
C SER C 96 -30.27 8.98 22.10
N SER C 97 -29.78 7.74 22.25
CA SER C 97 -29.68 7.14 23.58
C SER C 97 -28.79 7.90 24.55
N LYS C 98 -27.95 8.79 24.01
N LYS C 98 -27.91 8.76 24.02
CA LYS C 98 -27.10 9.65 24.85
CA LYS C 98 -27.09 9.64 24.86
C LYS C 98 -27.82 10.95 25.17
C LYS C 98 -27.81 10.95 25.18
N GLY C 99 -28.99 11.14 24.59
CA GLY C 99 -29.87 12.29 24.89
C GLY C 99 -29.76 13.38 23.86
N VAL C 100 -29.30 13.03 22.66
CA VAL C 100 -28.99 13.99 21.60
C VAL C 100 -29.78 13.56 20.37
N ARG C 101 -30.80 14.33 20.03
CA ARG C 101 -31.83 13.86 19.11
C ARG C 101 -31.73 14.56 17.81
N ILE C 102 -30.64 15.30 17.58
CA ILE C 102 -30.61 16.18 16.40
C ILE C 102 -30.67 15.46 15.10
N TRP C 103 -30.32 14.16 15.07
CA TRP C 103 -30.39 13.35 13.84
C TRP C 103 -31.65 12.44 13.72
N ASP C 104 -32.42 12.29 14.80
CA ASP C 104 -33.55 11.30 14.83
C ASP C 104 -34.51 11.59 13.66
N ALA C 105 -34.87 12.85 13.45
CA ALA C 105 -35.80 13.17 12.37
C ALA C 105 -35.41 12.46 11.12
N ASN C 106 -34.11 12.50 10.77
CA ASN C 106 -33.66 12.04 9.46
C ASN C 106 -33.47 10.52 9.35
N GLY C 107 -33.43 9.87 10.51
CA GLY C 107 -33.50 8.41 10.61
C GLY C 107 -34.92 7.87 10.77
N SER C 108 -35.95 8.73 10.64
CA SER C 108 -37.37 8.29 10.67
C SER C 108 -37.80 7.50 9.43
N ARG C 109 -38.59 6.46 9.66
CA ARG C 109 -39.33 5.71 8.60
C ARG C 109 -39.77 6.54 7.39
N ASP C 110 -40.41 7.69 7.60
CA ASP C 110 -41.07 8.36 6.47
C ASP C 110 -40.13 9.21 5.66
N PHE C 111 -39.17 9.82 6.36
CA PHE C 111 -38.15 10.51 5.62
C PHE C 111 -37.42 9.46 4.77
N LEU C 112 -36.94 8.39 5.42
CA LEU C 112 -36.22 7.32 4.69
C LEU C 112 -37.01 6.90 3.44
N ASP C 113 -38.31 6.62 3.60
CA ASP C 113 -39.13 6.13 2.48
C ASP C 113 -39.31 7.14 1.33
N SER C 114 -39.27 8.44 1.63
CA SER C 114 -39.49 9.48 0.62
C SER C 114 -38.32 9.60 -0.39
N LEU C 115 -37.15 9.11 0.03
CA LEU C 115 -35.96 9.10 -0.83
C LEU C 115 -35.72 7.68 -1.35
N GLY C 116 -36.61 6.74 -0.99
CA GLY C 116 -36.63 5.39 -1.55
C GLY C 116 -35.96 4.35 -0.68
N PHE C 117 -35.75 4.66 0.59
CA PHE C 117 -35.08 3.70 1.48
C PHE C 117 -36.09 2.92 2.27
N SER C 118 -37.11 2.46 1.56
CA SER C 118 -38.13 1.54 2.12
C SER C 118 -37.44 0.36 2.82
N ALA C 119 -36.45 -0.22 2.13
CA ALA C 119 -35.75 -1.41 2.58
C ALA C 119 -35.09 -1.29 3.98
N ARG C 120 -34.71 -0.07 4.38
CA ARG C 120 -33.93 0.11 5.62
C ARG C 120 -34.72 0.05 6.88
N GLN C 121 -33.99 -0.32 7.95
CA GLN C 121 -34.39 -0.12 9.32
C GLN C 121 -34.40 1.40 9.66
N GLU C 122 -35.24 1.75 10.63
CA GLU C 122 -35.23 3.08 11.22
C GLU C 122 -33.91 3.42 11.84
N GLY C 123 -33.44 4.66 11.61
CA GLY C 123 -32.27 5.18 12.31
C GLY C 123 -31.02 5.14 11.48
N ASP C 124 -31.18 4.45 10.34
CA ASP C 124 -30.08 4.06 9.44
C ASP C 124 -29.97 5.16 8.39
N LEU C 125 -28.99 6.05 8.66
CA LEU C 125 -28.79 7.30 7.94
C LEU C 125 -28.05 7.08 6.67
N GLY C 126 -27.51 5.87 6.52
CA GLY C 126 -26.77 5.59 5.31
C GLY C 126 -25.33 6.01 5.59
N PRO C 127 -24.50 6.05 4.54
CA PRO C 127 -23.07 6.30 4.73
C PRO C 127 -22.69 7.78 4.98
N VAL C 128 -23.12 8.31 6.11
CA VAL C 128 -22.80 9.69 6.52
C VAL C 128 -21.41 9.85 7.21
N TYR C 129 -21.12 11.05 7.72
CA TYR C 129 -19.82 11.39 8.36
C TYR C 129 -19.02 10.23 8.94
N GLY C 130 -19.61 9.55 9.94
CA GLY C 130 -18.86 8.52 10.71
C GLY C 130 -18.35 7.40 9.79
N PHE C 131 -19.13 7.11 8.74
CA PHE C 131 -18.75 6.12 7.76
C PHE C 131 -17.67 6.69 6.88
N GLN C 132 -17.85 7.94 6.41
CA GLN C 132 -16.84 8.53 5.54
C GLN C 132 -15.52 8.78 6.22
N TRP C 133 -15.52 9.28 7.45
CA TRP C 133 -14.29 9.52 8.15
C TRP C 133 -13.46 8.24 8.34
N ARG C 134 -14.13 7.18 8.76
CA ARG C 134 -13.46 5.92 9.12
C ARG C 134 -13.41 4.80 8.04
N HIS C 135 -14.22 4.86 6.96
CA HIS C 135 -14.32 3.78 5.96
C HIS C 135 -14.55 4.29 4.54
N PHE C 136 -13.90 5.41 4.16
CA PHE C 136 -14.16 5.96 2.85
C PHE C 136 -13.88 4.93 1.74
N GLY C 137 -14.89 4.79 0.87
CA GLY C 137 -14.80 3.92 -0.34
C GLY C 137 -15.27 2.48 -0.06
N ALA C 138 -15.50 2.12 1.19
CA ALA C 138 -15.96 0.80 1.48
C ALA C 138 -17.43 0.75 1.01
N GLU C 139 -17.94 -0.46 0.77
N GLU C 139 -17.92 -0.48 0.83
N GLU C 139 -17.91 -0.48 0.82
CA GLU C 139 -19.33 -0.62 0.32
CA GLU C 139 -19.31 -0.75 0.42
CA GLU C 139 -19.29 -0.79 0.42
C GLU C 139 -20.29 -0.64 1.51
C GLU C 139 -20.29 -0.63 1.58
C GLU C 139 -20.29 -0.65 1.58
N TYR C 140 -21.22 0.32 1.51
CA TYR C 140 -22.23 0.46 2.58
C TYR C 140 -23.31 -0.62 2.36
N LYS C 141 -23.67 -1.27 3.45
CA LYS C 141 -24.66 -2.34 3.41
C LYS C 141 -25.79 -1.74 4.23
N ASP C 142 -25.64 -1.81 5.55
N ASP C 142 -25.59 -1.74 5.54
CA ASP C 142 -26.57 -1.18 6.49
CA ASP C 142 -26.54 -1.22 6.51
C ASP C 142 -25.82 -0.78 7.77
C ASP C 142 -25.77 -0.56 7.66
N MET C 143 -26.51 -0.06 8.64
CA MET C 143 -25.91 0.48 9.88
C MET C 143 -25.33 -0.50 10.86
N ASP C 144 -25.73 -1.77 10.78
CA ASP C 144 -25.29 -2.77 11.74
C ASP C 144 -24.16 -3.63 11.13
N SER C 145 -23.84 -3.41 9.85
CA SER C 145 -22.67 -4.09 9.24
C SER C 145 -21.34 -3.81 9.97
N ASP C 146 -20.46 -4.82 9.93
CA ASP C 146 -19.13 -4.68 10.48
C ASP C 146 -18.24 -4.19 9.34
N TYR C 147 -17.84 -2.91 9.44
CA TYR C 147 -16.92 -2.31 8.46
C TYR C 147 -15.46 -2.32 8.92
N SER C 148 -15.15 -2.98 10.04
CA SER C 148 -13.83 -2.83 10.62
C SER C 148 -12.76 -3.13 9.55
N GLY C 149 -11.76 -2.25 9.50
CA GLY C 149 -10.70 -2.34 8.54
C GLY C 149 -11.02 -2.17 7.07
N GLN C 150 -12.28 -1.90 6.69
CA GLN C 150 -12.60 -1.68 5.31
C GLN C 150 -12.54 -0.15 4.97
N GLY C 151 -12.12 0.19 3.75
CA GLY C 151 -12.04 1.62 3.28
C GLY C 151 -10.90 2.42 3.90
N VAL C 152 -10.88 3.73 3.61
CA VAL C 152 -9.87 4.55 4.11
C VAL C 152 -10.27 5.06 5.48
N ASP C 153 -9.48 4.76 6.50
CA ASP C 153 -9.59 5.42 7.77
C ASP C 153 -8.87 6.76 7.64
N GLN C 154 -9.62 7.79 7.27
CA GLN C 154 -9.07 9.13 7.08
C GLN C 154 -8.65 9.77 8.37
N LEU C 155 -9.41 9.48 9.42
CA LEU C 155 -9.17 10.11 10.68
C LEU C 155 -7.87 9.62 11.25
N GLN C 156 -7.66 8.30 11.27
CA GLN C 156 -6.39 7.81 11.76
C GLN C 156 -5.25 8.19 10.82
N LYS C 157 -5.50 8.24 9.53
CA LYS C 157 -4.48 8.73 8.62
C LYS C 157 -4.02 10.16 8.90
N VAL C 158 -4.96 11.05 9.25
CA VAL C 158 -4.63 12.39 9.59
C VAL C 158 -3.81 12.40 10.85
N ILE C 159 -4.21 11.56 11.81
CA ILE C 159 -3.47 11.54 13.05
C ILE C 159 -2.00 11.09 12.84
N ASP C 160 -1.83 9.97 12.13
CA ASP C 160 -0.49 9.40 11.87
C ASP C 160 0.42 10.39 11.13
N THR C 161 -0.11 11.01 10.08
CA THR C 161 0.64 12.07 9.40
C THR C 161 1.05 13.24 10.27
N ILE C 162 0.15 13.74 11.11
CA ILE C 162 0.55 14.82 11.94
C ILE C 162 1.77 14.41 12.80
N LYS C 163 1.78 13.14 13.21
CA LYS C 163 2.80 12.65 14.11
C LYS C 163 4.08 12.48 13.39
N THR C 164 4.02 11.99 12.15
CA THR C 164 5.22 11.58 11.42
C THR C 164 5.70 12.58 10.40
N ASN C 165 4.76 13.36 9.83
CA ASN C 165 5.14 14.28 8.75
C ASN C 165 4.30 15.54 8.90
N PRO C 166 4.56 16.30 9.94
CA PRO C 166 3.63 17.41 10.24
C PRO C 166 3.68 18.54 9.23
N ASP C 167 4.73 18.61 8.38
CA ASP C 167 4.77 19.63 7.32
C ASP C 167 3.87 19.22 6.18
N ASP C 168 3.38 17.99 6.13
CA ASP C 168 2.58 17.56 4.95
C ASP C 168 1.41 18.53 4.66
N ARG C 169 1.12 18.72 3.37
CA ARG C 169 0.08 19.68 2.91
C ARG C 169 -1.13 18.95 2.38
N ARG C 170 -1.27 17.67 2.75
CA ARG C 170 -2.36 16.85 2.30
C ARG C 170 -3.22 16.29 3.48
N ILE C 171 -3.17 16.95 4.64
CA ILE C 171 -3.74 16.39 5.88
C ILE C 171 -5.23 16.71 5.89
N ILE C 172 -5.96 15.94 5.09
CA ILE C 172 -7.35 16.15 4.78
C ILE C 172 -8.23 15.01 5.21
N MET C 173 -9.38 15.32 5.83
CA MET C 173 -10.53 14.36 6.00
C MET C 173 -11.71 14.90 5.19
N CYS C 174 -12.14 14.14 4.20
CA CYS C 174 -13.24 14.54 3.29
C CYS C 174 -14.51 13.70 3.54
N ALA C 175 -15.66 14.31 3.84
CA ALA C 175 -16.96 13.59 3.93
C ALA C 175 -17.84 13.69 2.69
N TRP C 176 -17.45 14.55 1.74
CA TRP C 176 -18.18 14.70 0.51
C TRP C 176 -17.78 13.56 -0.43
N ASN C 177 -18.65 12.59 -0.63
CA ASN C 177 -18.35 11.38 -1.45
C ASN C 177 -19.44 11.32 -2.42
N PRO C 178 -19.24 11.88 -3.59
CA PRO C 178 -20.31 11.94 -4.53
C PRO C 178 -20.87 10.56 -4.95
N LYS C 179 -20.06 9.51 -4.91
CA LYS C 179 -20.63 8.15 -5.22
C LYS C 179 -21.69 7.69 -4.19
N ASP C 180 -21.48 8.03 -2.92
CA ASP C 180 -22.31 7.63 -1.83
C ASP C 180 -23.44 8.62 -1.52
N LEU C 181 -23.31 9.85 -2.02
CA LEU C 181 -24.31 10.94 -1.72
C LEU C 181 -25.76 10.43 -1.78
N PRO C 182 -26.10 9.72 -2.87
CA PRO C 182 -27.51 9.26 -3.02
C PRO C 182 -27.99 8.26 -1.97
N LEU C 183 -27.06 7.60 -1.26
CA LEU C 183 -27.43 6.75 -0.13
C LEU C 183 -27.55 7.42 1.26
N MET C 184 -27.14 8.68 1.37
N MET C 184 -27.13 8.68 1.38
CA MET C 184 -27.17 9.39 2.66
CA MET C 184 -27.20 9.37 2.67
C MET C 184 -28.58 9.94 2.94
C MET C 184 -28.60 9.92 2.94
N ALA C 185 -28.97 9.94 4.21
CA ALA C 185 -30.25 10.53 4.62
C ALA C 185 -30.28 12.05 4.32
N LEU C 186 -29.11 12.69 4.41
CA LEU C 186 -28.84 14.09 3.99
C LEU C 186 -27.41 14.23 3.47
N PRO C 187 -27.17 15.13 2.47
CA PRO C 187 -25.80 15.47 2.01
C PRO C 187 -25.01 16.27 3.04
N PRO C 188 -23.71 15.96 3.16
CA PRO C 188 -22.88 16.57 4.18
C PRO C 188 -22.88 18.09 4.05
N CYS C 189 -22.97 18.83 5.15
CA CYS C 189 -22.74 20.27 5.08
C CYS C 189 -21.21 20.50 5.17
N HIS C 190 -20.54 19.65 5.94
CA HIS C 190 -19.11 19.79 6.25
C HIS C 190 -18.33 18.91 5.32
N ALA C 191 -17.99 19.48 4.17
CA ALA C 191 -17.53 18.68 3.05
C ALA C 191 -16.10 18.16 3.25
N LEU C 192 -15.22 19.02 3.75
CA LEU C 192 -13.88 18.62 4.06
C LEU C 192 -13.28 19.48 5.10
N CYS C 193 -12.29 18.93 5.76
CA CYS C 193 -11.45 19.73 6.60
C CYS C 193 -10.00 19.36 6.33
N GLN C 194 -9.15 20.31 6.62
CA GLN C 194 -7.69 20.16 6.49
C GLN C 194 -7.02 20.53 7.76
N PHE C 195 -5.90 19.89 8.07
CA PHE C 195 -5.09 20.21 9.23
C PHE C 195 -3.74 20.79 8.86
N TYR C 196 -3.07 21.46 9.80
CA TYR C 196 -1.81 22.14 9.57
C TYR C 196 -1.04 22.27 10.84
N VAL C 197 0.30 22.18 10.77
CA VAL C 197 1.17 22.26 11.95
C VAL C 197 2.27 23.26 11.72
N VAL C 198 2.45 24.15 12.68
CA VAL C 198 3.54 25.07 12.66
C VAL C 198 3.74 25.49 14.09
N ASN C 199 5.00 25.64 14.44
CA ASN C 199 5.39 26.12 15.79
C ASN C 199 4.71 25.28 16.92
N GLY C 200 4.60 23.98 16.69
CA GLY C 200 4.09 23.07 17.74
C GLY C 200 2.59 23.26 18.03
N GLU C 201 1.87 23.84 17.08
CA GLU C 201 0.43 24.15 17.22
C GLU C 201 -0.28 23.49 16.04
N LEU C 202 -1.44 22.90 16.32
CA LEU C 202 -2.24 22.25 15.32
C LEU C 202 -3.43 23.14 14.93
N SER C 203 -3.61 23.42 13.65
CA SER C 203 -4.75 24.21 13.16
C SER C 203 -5.59 23.31 12.26
N CYS C 204 -6.86 23.70 12.09
CA CYS C 204 -7.84 23.07 11.25
C CYS C 204 -8.67 24.04 10.43
N GLN C 205 -8.90 23.73 9.16
CA GLN C 205 -9.78 24.49 8.29
C GLN C 205 -10.94 23.64 7.83
N LEU C 206 -12.16 24.19 8.01
CA LEU C 206 -13.37 23.55 7.56
C LEU C 206 -13.96 24.22 6.39
N TYR C 207 -14.24 23.43 5.37
CA TYR C 207 -15.01 23.86 4.26
C TYR C 207 -16.46 23.47 4.44
N GLN C 208 -17.29 24.48 4.79
CA GLN C 208 -18.76 24.25 5.03
C GLN C 208 -19.56 24.82 3.89
N ARG C 209 -20.22 23.95 3.15
CA ARG C 209 -20.88 24.35 1.92
C ARG C 209 -22.16 25.26 2.09
N SER C 210 -22.74 25.21 3.28
CA SER C 210 -24.07 25.83 3.51
C SER C 210 -24.16 25.98 5.01
N GLY C 211 -24.46 27.22 5.47
CA GLY C 211 -24.38 27.53 6.88
C GLY C 211 -25.55 28.41 7.30
N ASP C 212 -26.39 27.86 8.17
CA ASP C 212 -27.54 28.57 8.76
C ASP C 212 -26.96 29.28 9.95
N MET C 213 -26.75 30.59 9.78
CA MET C 213 -26.10 31.35 10.82
C MET C 213 -26.77 31.30 12.18
N GLY C 214 -28.09 31.15 12.16
CA GLY C 214 -28.93 31.15 13.36
C GLY C 214 -29.00 29.87 14.17
N LEU C 215 -28.60 28.73 13.60
CA LEU C 215 -28.65 27.48 14.35
C LEU C 215 -27.40 26.62 14.17
N GLY C 216 -27.21 26.12 12.98
CA GLY C 216 -26.12 25.21 12.70
C GLY C 216 -24.75 25.77 12.88
N VAL C 217 -24.53 26.97 12.34
CA VAL C 217 -23.15 27.45 12.36
C VAL C 217 -22.43 27.50 13.72
N PRO C 218 -23.07 28.01 14.82
CA PRO C 218 -22.44 28.01 16.07
C PRO C 218 -22.05 26.60 16.54
N PHE C 219 -22.92 25.67 16.28
CA PHE C 219 -22.69 24.29 16.77
C PHE C 219 -21.53 23.64 15.94
N ASN C 220 -21.52 23.98 14.66
CA ASN C 220 -20.47 23.56 13.66
C ASN C 220 -19.07 24.05 14.06
N ILE C 221 -18.92 25.32 14.46
CA ILE C 221 -17.68 25.83 14.98
C ILE C 221 -17.17 25.03 16.19
N ALA C 222 -18.08 24.76 17.14
CA ALA C 222 -17.72 24.02 18.35
C ALA C 222 -17.20 22.61 18.00
N SER C 223 -17.90 21.96 17.12
CA SER C 223 -17.59 20.57 16.71
C SER C 223 -16.17 20.46 16.15
N TYR C 224 -15.82 21.35 15.23
CA TYR C 224 -14.47 21.31 14.60
C TYR C 224 -13.38 21.80 15.50
N ALA C 225 -13.67 22.77 16.36
CA ALA C 225 -12.79 23.13 17.42
C ALA C 225 -12.50 21.98 18.38
N LEU C 226 -13.54 21.25 18.79
CA LEU C 226 -13.33 20.11 19.68
C LEU C 226 -12.51 19.00 19.02
N LEU C 227 -12.83 18.68 17.78
CA LEU C 227 -11.98 17.73 17.00
C LEU C 227 -10.50 18.11 17.06
N THR C 228 -10.18 19.39 16.93
CA THR C 228 -8.82 19.86 16.90
C THR C 228 -8.15 19.69 18.28
N TYR C 229 -8.92 19.99 19.33
CA TYR C 229 -8.42 19.82 20.68
C TYR C 229 -8.04 18.32 20.94
N MET C 230 -8.89 17.44 20.44
CA MET C 230 -8.74 16.00 20.63
C MET C 230 -7.51 15.52 19.87
N ILE C 231 -7.37 15.95 18.61
CA ILE C 231 -6.19 15.51 17.83
C ILE C 231 -4.90 16.15 18.36
N ALA C 232 -4.96 17.42 18.75
CA ALA C 232 -3.79 18.03 19.36
C ALA C 232 -3.36 17.19 20.56
N HIS C 233 -4.33 16.82 21.40
CA HIS C 233 -4.04 16.03 22.60
C HIS C 233 -3.25 14.74 22.33
N ILE C 234 -3.72 13.98 21.34
CA ILE C 234 -3.15 12.68 21.08
C ILE C 234 -1.86 12.76 20.23
N THR C 235 -1.59 13.92 19.61
CA THR C 235 -0.38 14.06 18.82
C THR C 235 0.67 14.88 19.56
N GLY C 236 0.35 15.28 20.79
CA GLY C 236 1.32 16.02 21.60
C GLY C 236 1.59 17.46 21.13
N LEU C 237 0.59 18.07 20.52
CA LEU C 237 0.65 19.44 20.03
C LEU C 237 -0.30 20.34 20.82
N GLN C 238 -0.19 21.65 20.62
CA GLN C 238 -1.10 22.62 21.22
C GLN C 238 -2.08 23.07 20.19
N PRO C 239 -3.37 23.23 20.59
CA PRO C 239 -4.31 23.73 19.56
C PRO C 239 -4.01 25.11 19.06
N GLY C 240 -4.18 25.35 17.76
CA GLY C 240 -3.80 26.65 17.20
C GLY C 240 -5.00 27.50 16.83
N ASP C 241 -5.30 27.52 15.52
CA ASP C 241 -6.49 28.13 14.93
C ASP C 241 -7.47 27.14 14.35
N PHE C 242 -8.75 27.53 14.45
CA PHE C 242 -9.83 26.97 13.68
C PHE C 242 -10.27 27.99 12.67
N VAL C 243 -10.09 27.61 11.41
CA VAL C 243 -10.45 28.47 10.28
C VAL C 243 -11.76 27.96 9.67
N HIS C 244 -12.80 28.78 9.77
CA HIS C 244 -14.12 28.44 9.24
C HIS C 244 -14.39 29.10 7.90
N THR C 245 -14.47 28.27 6.87
CA THR C 245 -14.88 28.79 5.58
C THR C 245 -16.26 28.40 5.22
N LEU C 246 -17.03 29.38 4.76
CA LEU C 246 -18.38 29.20 4.19
C LEU C 246 -18.60 29.37 2.73
N GLY C 247 -19.46 28.49 2.18
CA GLY C 247 -20.08 28.72 0.90
C GLY C 247 -21.28 29.61 0.94
N ASP C 248 -22.47 29.00 1.05
CA ASP C 248 -23.70 29.83 1.07
C ASP C 248 -23.96 30.09 2.56
N ALA C 249 -23.66 31.32 2.99
CA ALA C 249 -23.82 31.75 4.37
C ALA C 249 -25.12 32.53 4.44
N HIS C 250 -26.04 32.05 5.26
CA HIS C 250 -27.39 32.60 5.20
C HIS C 250 -28.11 32.69 6.53
N ILE C 251 -29.10 33.55 6.51
CA ILE C 251 -30.02 33.75 7.63
C ILE C 251 -31.46 33.57 7.06
N TYR C 252 -32.24 32.73 7.69
CA TYR C 252 -33.65 32.57 7.33
C TYR C 252 -34.49 33.76 7.74
N LEU C 253 -35.29 34.21 6.80
CA LEU C 253 -36.16 35.36 7.02
C LEU C 253 -36.98 35.27 8.32
N ASN C 254 -36.98 34.12 9.00
CA ASN C 254 -37.65 33.93 10.30
C ASN C 254 -36.73 33.81 11.53
N HIS C 255 -35.40 33.75 11.37
CA HIS C 255 -34.43 33.87 12.46
CA HIS C 255 -34.57 33.96 12.57
C HIS C 255 -33.92 35.31 12.57
N ILE C 256 -34.48 36.22 11.75
CA ILE C 256 -33.91 37.56 11.66
C ILE C 256 -34.06 38.21 13.01
N GLU C 257 -35.27 38.19 13.54
CA GLU C 257 -35.51 38.88 14.79
C GLU C 257 -34.68 38.29 15.96
N PRO C 258 -34.64 36.96 16.13
CA PRO C 258 -33.71 36.48 17.16
C PRO C 258 -32.22 36.77 16.93
N LEU C 259 -31.76 36.78 15.69
CA LEU C 259 -30.37 37.18 15.46
C LEU C 259 -30.18 38.66 15.81
N LYS C 260 -31.17 39.48 15.55
CA LYS C 260 -31.03 40.91 15.91
C LYS C 260 -30.87 41.08 17.39
N ILE C 261 -31.62 40.29 18.15
CA ILE C 261 -31.43 40.29 19.61
C ILE C 261 -30.03 39.92 19.97
N GLN C 262 -29.54 38.85 19.35
CA GLN C 262 -28.28 38.36 19.63
C GLN C 262 -27.15 39.42 19.35
N LEU C 263 -27.29 40.20 18.28
CA LEU C 263 -26.24 41.17 17.91
C LEU C 263 -26.09 42.26 18.94
N GLN C 264 -27.12 42.41 19.79
CA GLN C 264 -27.11 43.42 20.85
C GLN C 264 -26.57 42.89 22.17
N ARG C 265 -26.27 41.60 22.26
CA ARG C 265 -25.74 41.10 23.50
C ARG C 265 -24.22 41.19 23.55
N GLU C 266 -23.72 41.51 24.74
CA GLU C 266 -22.29 41.65 24.92
CA GLU C 266 -22.31 41.66 25.03
C GLU C 266 -21.68 40.27 25.05
N PRO C 267 -20.71 39.96 24.17
CA PRO C 267 -20.07 38.70 24.32
C PRO C 267 -19.35 38.58 25.65
N ARG C 268 -19.40 37.38 26.19
CA ARG C 268 -18.70 37.03 27.40
C ARG C 268 -17.47 36.22 27.04
N PRO C 269 -16.42 36.28 27.89
CA PRO C 269 -15.27 35.45 27.60
C PRO C 269 -15.61 34.02 27.28
N PHE C 270 -14.97 33.50 26.23
CA PHE C 270 -15.11 32.13 25.95
C PHE C 270 -14.67 31.33 27.18
N PRO C 271 -15.22 30.15 27.32
CA PRO C 271 -14.79 29.18 28.30
C PRO C 271 -13.50 28.47 27.89
N LYS C 272 -13.02 27.60 28.78
CA LYS C 272 -11.89 26.74 28.52
C LYS C 272 -12.40 25.32 28.39
N LEU C 273 -11.72 24.54 27.56
CA LEU C 273 -11.96 23.13 27.48
C LEU C 273 -10.78 22.36 28.11
N LYS C 274 -11.09 21.55 29.12
CA LYS C 274 -10.10 20.71 29.82
C LYS C 274 -10.24 19.26 29.40
N ILE C 275 -9.12 18.59 29.11
CA ILE C 275 -9.11 17.14 28.91
C ILE C 275 -8.48 16.53 30.17
N LEU C 276 -9.22 15.64 30.82
CA LEU C 276 -9.00 15.37 32.27
C LEU C 276 -7.99 14.24 32.55
N ARG C 277 -7.47 13.69 31.46
CA ARG C 277 -6.91 12.36 31.42
C ARG C 277 -5.91 12.35 30.26
N LYS C 278 -4.78 11.68 30.42
CA LYS C 278 -3.93 11.42 29.26
C LYS C 278 -4.60 10.32 28.39
N VAL C 279 -5.14 10.69 27.23
CA VAL C 279 -5.75 9.74 26.29
C VAL C 279 -4.75 9.48 25.14
N GLU C 280 -4.60 8.22 24.78
CA GLU C 280 -3.54 7.84 23.88
C GLU C 280 -3.95 7.60 22.43
N THR C 281 -5.20 7.20 22.20
CA THR C 281 -5.75 7.03 20.84
C THR C 281 -7.07 7.79 20.70
N ILE C 282 -7.47 8.12 19.45
CA ILE C 282 -8.68 8.92 19.24
C ILE C 282 -9.92 8.11 19.66
N ASP C 283 -9.85 6.78 19.52
CA ASP C 283 -11.02 5.94 19.82
C ASP C 283 -11.32 5.74 21.31
N ASP C 284 -10.42 6.17 22.18
CA ASP C 284 -10.51 5.92 23.63
C ASP C 284 -11.10 7.17 24.39
N PHE C 285 -11.40 8.23 23.65
CA PHE C 285 -12.04 9.41 24.19
C PHE C 285 -13.46 9.05 24.60
N LYS C 286 -13.81 9.49 25.81
N LYS C 286 -13.85 9.47 25.80
CA LYS C 286 -15.16 9.37 26.32
CA LYS C 286 -15.27 9.46 26.14
C LYS C 286 -15.69 10.73 26.89
C LYS C 286 -15.70 10.74 26.84
N VAL C 287 -17.01 10.93 26.87
CA VAL C 287 -17.65 12.18 27.40
C VAL C 287 -17.05 12.59 28.75
N GLU C 288 -16.85 11.59 29.60
CA GLU C 288 -16.27 11.80 30.91
C GLU C 288 -14.97 12.58 30.90
N ASP C 289 -14.19 12.48 29.80
CA ASP C 289 -12.84 13.02 29.72
C ASP C 289 -12.71 14.51 29.45
N PHE C 290 -13.84 15.20 29.36
CA PHE C 290 -13.89 16.62 28.96
C PHE C 290 -14.66 17.46 29.97
N GLN C 291 -14.14 18.65 30.24
N GLN C 291 -14.11 18.62 30.31
CA GLN C 291 -14.74 19.57 31.17
CA GLN C 291 -14.79 19.56 31.20
C GLN C 291 -14.70 20.96 30.55
C GLN C 291 -14.71 20.96 30.57
N ILE C 292 -15.88 21.54 30.34
CA ILE C 292 -16.00 22.92 29.92
C ILE C 292 -16.06 23.78 31.16
N GLU C 293 -15.09 24.67 31.30
N GLU C 293 -15.09 24.67 31.33
CA GLU C 293 -14.96 25.57 32.44
CA GLU C 293 -15.03 25.56 32.49
C GLU C 293 -15.40 26.96 32.03
C GLU C 293 -15.33 26.99 32.10
N GLY C 294 -16.26 27.57 32.85
CA GLY C 294 -16.54 28.97 32.72
C GLY C 294 -17.48 29.30 31.60
N TYR C 295 -18.35 28.39 31.22
CA TYR C 295 -19.31 28.69 30.15
C TYR C 295 -20.51 29.43 30.68
N ASN C 296 -20.63 30.71 30.31
CA ASN C 296 -21.69 31.61 30.81
C ASN C 296 -22.41 32.27 29.66
N PRO C 297 -23.21 31.53 28.86
CA PRO C 297 -23.90 32.15 27.77
C PRO C 297 -25.09 33.00 28.26
N HIS C 298 -25.55 33.90 27.41
CA HIS C 298 -26.73 34.73 27.65
C HIS C 298 -28.00 33.88 27.64
N PRO C 299 -29.10 34.42 28.22
CA PRO C 299 -30.33 33.64 28.40
C PRO C 299 -31.00 33.24 27.13
N THR C 300 -31.78 32.17 27.23
CA THR C 300 -32.60 31.71 26.12
C THR C 300 -33.26 32.90 25.45
N ILE C 301 -33.23 32.93 24.12
CA ILE C 301 -33.78 34.08 23.38
C ILE C 301 -35.21 33.73 22.92
N LYS C 302 -35.90 34.74 22.36
CA LYS C 302 -37.19 34.51 21.66
C LYS C 302 -37.01 34.63 20.14
N MET D 1 14.88 46.05 3.96
CA MET D 1 13.66 45.42 4.55
C MET D 1 12.70 45.19 3.38
N LEU D 2 11.61 44.45 3.62
CA LEU D 2 10.59 44.24 2.58
C LEU D 2 9.97 45.60 2.18
N VAL D 3 10.10 45.96 0.88
CA VAL D 3 9.49 47.16 0.33
C VAL D 3 8.46 46.82 -0.73
N VAL D 4 7.36 47.54 -0.75
CA VAL D 4 6.25 47.24 -1.64
C VAL D 4 5.66 48.53 -2.24
N GLY D 5 4.96 48.39 -3.35
CA GLY D 5 4.11 49.42 -3.92
C GLY D 5 3.19 50.01 -2.91
N SER D 6 3.07 51.32 -3.02
CA SER D 6 2.27 52.08 -2.10
C SER D 6 0.80 51.80 -2.17
N GLU D 7 0.28 51.23 -3.27
N GLU D 7 0.35 51.14 -3.25
CA GLU D 7 -1.17 51.00 -3.34
CA GLU D 7 -1.07 50.91 -3.45
C GLU D 7 -1.61 49.73 -2.58
C GLU D 7 -1.59 49.73 -2.62
N LEU D 8 -0.68 48.90 -2.12
CA LEU D 8 -1.09 47.68 -1.31
C LEU D 8 -1.72 48.10 0.01
N GLN D 9 -1.17 49.13 0.62
CA GLN D 9 -1.75 49.63 1.88
C GLN D 9 -1.90 48.46 2.88
N SER D 10 -3.06 48.30 3.56
CA SER D 10 -3.15 47.17 4.47
C SER D 10 -3.27 45.83 3.68
N ASP D 11 -2.45 44.88 4.07
CA ASP D 11 -2.45 43.52 3.44
C ASP D 11 -3.36 42.55 4.21
N ALA D 12 -4.05 43.06 5.24
CA ALA D 12 -4.82 42.16 6.12
C ALA D 12 -6.09 41.77 5.41
N GLN D 13 -6.55 40.54 5.65
CA GLN D 13 -7.80 40.15 5.00
C GLN D 13 -8.95 40.77 5.73
N ARG D 21 -10.69 49.47 -6.08
CA ARG D 21 -9.34 49.73 -6.58
C ARG D 21 -8.86 48.65 -7.58
N HIS D 22 -8.84 47.37 -7.15
N HIS D 22 -8.88 47.37 -7.19
CA HIS D 22 -8.39 46.22 -7.99
CA HIS D 22 -8.39 46.26 -8.05
C HIS D 22 -8.61 44.85 -7.34
C HIS D 22 -8.57 44.87 -7.38
N GLY D 23 -9.18 43.92 -8.09
CA GLY D 23 -9.04 42.51 -7.74
C GLY D 23 -7.58 42.02 -7.61
N GLU D 24 -6.70 42.49 -8.49
CA GLU D 24 -5.31 42.05 -8.41
C GLU D 24 -4.61 42.45 -7.10
N LEU D 25 -5.00 43.56 -6.51
CA LEU D 25 -4.45 43.92 -5.20
C LEU D 25 -4.78 42.86 -4.13
N GLN D 26 -5.88 42.12 -4.29
N GLN D 26 -5.88 42.12 -4.24
CA GLN D 26 -6.22 41.04 -3.34
CA GLN D 26 -6.14 41.09 -3.22
C GLN D 26 -5.08 40.03 -3.32
C GLN D 26 -5.09 39.98 -3.30
N TYR D 27 -4.61 39.66 -4.50
CA TYR D 27 -3.48 38.72 -4.64
C TYR D 27 -2.20 39.24 -4.11
N LEU D 28 -1.87 40.49 -4.49
CA LEU D 28 -0.59 41.06 -4.06
C LEU D 28 -0.54 41.23 -2.52
N ARG D 29 -1.67 41.56 -1.92
CA ARG D 29 -1.77 41.65 -0.44
C ARG D 29 -1.56 40.30 0.24
N GLN D 30 -2.08 39.21 -0.39
CA GLN D 30 -1.78 37.86 0.18
C GLN D 30 -0.31 37.55 0.15
N VAL D 31 0.36 37.89 -0.96
CA VAL D 31 1.80 37.68 -1.05
C VAL D 31 2.54 38.49 -0.02
N GLU D 32 2.16 39.77 0.12
CA GLU D 32 2.80 40.60 1.06
C GLU D 32 2.59 40.02 2.45
N HIS D 33 1.36 39.60 2.73
CA HIS D 33 1.04 39.05 4.05
C HIS D 33 1.88 37.82 4.40
N ILE D 34 2.07 36.92 3.45
CA ILE D 34 2.87 35.72 3.72
C ILE D 34 4.32 36.11 3.99
N LEU D 35 4.83 37.01 3.18
CA LEU D 35 6.21 37.47 3.40
C LEU D 35 6.40 38.17 4.75
N ARG D 36 5.41 38.99 5.18
CA ARG D 36 5.46 39.75 6.43
C ARG D 36 5.20 38.93 7.66
N CYS D 37 4.24 38.02 7.57
CA CYS D 37 3.67 37.35 8.71
C CYS D 37 3.75 35.86 8.69
N GLY D 38 4.09 35.26 7.54
CA GLY D 38 4.13 33.82 7.40
C GLY D 38 5.29 33.21 8.14
N PHE D 39 5.19 31.89 8.34
CA PHE D 39 6.17 31.15 9.17
C PHE D 39 6.98 30.23 8.32
N LYS D 40 8.24 30.02 8.73
CA LYS D 40 9.18 29.19 8.01
C LYS D 40 8.83 27.75 8.37
N LYS D 41 8.81 26.92 7.34
CA LYS D 41 8.23 25.59 7.45
C LYS D 41 8.84 24.78 6.34
N GLU D 42 9.56 23.68 6.65
CA GLU D 42 10.14 22.78 5.60
C GLU D 42 9.03 22.12 4.74
N ASP D 43 9.40 21.40 3.69
CA ASP D 43 8.37 20.75 2.87
C ASP D 43 8.81 19.50 2.12
N ARG D 44 7.84 18.89 1.45
CA ARG D 44 8.06 17.72 0.60
C ARG D 44 9.24 17.85 -0.41
N THR D 45 9.35 19.02 -1.05
CA THR D 45 10.32 19.24 -2.13
C THR D 45 11.77 19.43 -1.64
N GLY D 46 11.96 19.72 -0.35
CA GLY D 46 13.27 20.12 0.20
C GLY D 46 13.63 21.60 -0.04
N THR D 47 12.80 22.32 -0.78
CA THR D 47 13.04 23.74 -1.08
C THR D 47 12.84 24.60 0.17
N GLY D 48 11.78 24.33 0.94
CA GLY D 48 11.41 25.19 2.08
C GLY D 48 10.47 26.34 1.69
N THR D 49 9.70 26.84 2.68
CA THR D 49 8.62 27.84 2.43
C THR D 49 8.38 28.82 3.57
N LEU D 50 7.74 29.93 3.23
CA LEU D 50 7.04 30.76 4.23
C LEU D 50 5.56 30.51 3.98
N SER D 51 4.77 30.38 5.04
CA SER D 51 3.42 29.92 4.83
C SER D 51 2.44 30.48 5.86
N VAL D 52 1.21 30.60 5.41
CA VAL D 52 0.05 30.95 6.24
C VAL D 52 -1.06 29.96 5.93
N PHE D 53 -1.84 29.56 6.94
CA PHE D 53 -2.87 28.57 6.73
C PHE D 53 -4.20 29.24 6.80
N GLY D 54 -4.93 29.17 5.71
CA GLY D 54 -6.25 29.81 5.60
C GLY D 54 -6.28 31.26 5.16
N MET D 55 -6.66 31.42 3.89
CA MET D 55 -6.79 32.71 3.25
C MET D 55 -7.98 32.69 2.35
N GLN D 56 -8.52 33.88 2.06
CA GLN D 56 -9.62 34.00 1.12
C GLN D 56 -9.60 35.32 0.39
N ALA D 57 -9.84 35.28 -0.94
CA ALA D 57 -9.89 36.51 -1.75
C ALA D 57 -11.05 36.39 -2.69
N ARG D 58 -11.61 37.55 -3.09
CA ARG D 58 -12.75 37.63 -4.00
C ARG D 58 -12.38 38.40 -5.24
N TYR D 59 -12.55 37.79 -6.43
CA TYR D 59 -12.30 38.43 -7.68
C TYR D 59 -13.57 38.61 -8.47
N SER D 60 -13.95 39.84 -8.78
CA SER D 60 -15.11 40.07 -9.53
C SER D 60 -14.88 39.47 -10.94
N LEU D 61 -15.92 38.88 -11.51
CA LEU D 61 -15.83 38.32 -12.88
C LEU D 61 -16.67 39.18 -13.84
N ARG D 62 -17.06 40.38 -13.37
CA ARG D 62 -18.07 41.22 -14.05
C ARG D 62 -17.41 42.20 -15.00
N ASP D 63 -17.49 41.87 -16.29
CA ASP D 63 -16.86 42.64 -17.33
C ASP D 63 -15.33 42.81 -17.13
N GLU D 64 -14.72 41.78 -16.54
CA GLU D 64 -13.28 41.69 -16.43
C GLU D 64 -12.95 40.26 -16.20
N PHE D 65 -11.71 39.93 -16.46
CA PHE D 65 -11.23 38.56 -16.30
C PHE D 65 -9.92 38.65 -15.54
N PRO D 66 -9.82 37.96 -14.36
CA PRO D 66 -8.63 38.19 -13.51
C PRO D 66 -7.37 37.40 -13.90
N LEU D 67 -6.74 37.75 -15.02
CA LEU D 67 -5.45 37.24 -15.41
C LEU D 67 -4.49 38.32 -14.97
N LEU D 68 -3.56 37.97 -14.10
CA LEU D 68 -2.76 38.99 -13.43
C LEU D 68 -1.93 39.82 -14.43
N THR D 69 -1.72 41.09 -14.09
CA THR D 69 -0.94 42.07 -14.88
C THR D 69 0.39 42.38 -14.30
N THR D 70 0.64 42.12 -13.01
CA THR D 70 1.99 42.36 -12.47
C THR D 70 3.05 41.34 -12.91
N LYS D 71 2.61 40.22 -13.46
CA LYS D 71 3.46 39.28 -14.20
C LYS D 71 2.58 38.57 -15.23
N ARG D 72 3.20 37.99 -16.24
CA ARG D 72 2.44 37.36 -17.30
C ARG D 72 1.99 36.02 -16.83
N VAL D 73 0.73 35.69 -17.04
CA VAL D 73 0.26 34.34 -16.73
C VAL D 73 0.13 33.54 -18.04
N PHE D 74 0.39 32.23 -17.95
CA PHE D 74 0.36 31.25 -19.09
C PHE D 74 -1.05 30.82 -19.49
N TRP D 75 -1.80 31.77 -20.03
CA TRP D 75 -3.14 31.58 -20.42
C TRP D 75 -3.34 30.36 -21.36
N LYS D 76 -2.34 30.11 -22.21
CA LYS D 76 -2.49 29.02 -23.14
C LYS D 76 -2.62 27.71 -22.41
N GLY D 77 -1.80 27.57 -21.39
CA GLY D 77 -1.88 26.41 -20.53
C GLY D 77 -3.20 26.31 -19.78
N VAL D 78 -3.68 27.45 -19.23
CA VAL D 78 -4.96 27.45 -18.51
C VAL D 78 -6.11 26.89 -19.35
N LEU D 79 -6.33 27.45 -20.52
CA LEU D 79 -7.39 27.02 -21.44
C LEU D 79 -7.27 25.56 -21.82
N GLU D 80 -6.08 25.16 -22.17
CA GLU D 80 -5.88 23.84 -22.72
C GLU D 80 -5.98 22.82 -21.61
N GLU D 81 -5.43 23.16 -20.44
CA GLU D 81 -5.54 22.26 -19.28
C GLU D 81 -6.97 22.03 -18.94
N LEU D 82 -7.74 23.10 -18.97
CA LEU D 82 -9.16 23.00 -18.61
C LEU D 82 -9.95 22.13 -19.60
N LEU D 83 -9.72 22.37 -20.90
CA LEU D 83 -10.36 21.51 -21.91
C LEU D 83 -10.00 20.01 -21.76
N TRP D 84 -8.77 19.79 -21.40
CA TRP D 84 -8.22 18.48 -21.11
C TRP D 84 -8.91 17.83 -19.88
N PHE D 85 -9.14 18.63 -18.80
CA PHE D 85 -9.95 18.15 -17.67
C PHE D 85 -11.34 17.79 -18.12
N ILE D 86 -11.91 18.67 -18.95
CA ILE D 86 -13.28 18.55 -19.35
C ILE D 86 -13.54 17.23 -20.13
N LYS D 87 -12.60 16.87 -20.99
CA LYS D 87 -12.69 15.65 -21.81
C LYS D 87 -12.46 14.44 -20.92
N GLY D 88 -12.04 14.67 -19.70
CA GLY D 88 -11.77 13.57 -18.76
C GLY D 88 -10.43 12.88 -18.98
N SER D 89 -9.51 13.49 -19.72
CA SER D 89 -8.23 12.88 -19.97
C SER D 89 -7.35 12.78 -18.71
N THR D 90 -6.64 11.65 -18.61
CA THR D 90 -5.60 11.46 -17.61
C THR D 90 -4.24 11.28 -18.27
N ASN D 91 -4.16 11.73 -19.52
CA ASN D 91 -3.00 11.42 -20.31
C ASN D 91 -2.20 12.69 -20.55
N ALA D 92 -1.08 12.78 -19.83
CA ALA D 92 -0.19 13.96 -19.88
C ALA D 92 0.21 14.28 -21.29
N LYS D 93 0.53 13.24 -22.07
CA LYS D 93 0.79 13.41 -23.52
C LYS D 93 -0.33 14.08 -24.32
N GLU D 94 -1.60 13.85 -23.99
CA GLU D 94 -2.72 14.53 -24.71
C GLU D 94 -2.67 16.07 -24.52
N LEU D 95 -2.13 16.51 -23.40
CA LEU D 95 -1.98 17.95 -23.14
C LEU D 95 -0.67 18.43 -23.78
N SER D 96 0.36 17.61 -23.62
CA SER D 96 1.68 17.94 -24.12
C SER D 96 1.67 18.21 -25.62
N SER D 97 0.77 17.54 -26.35
CA SER D 97 0.61 17.72 -27.82
C SER D 97 -0.12 19.00 -28.22
N LYS D 98 -0.61 19.74 -27.22
CA LYS D 98 -1.18 21.06 -27.47
C LYS D 98 -0.12 22.13 -27.22
N GLY D 99 1.08 21.70 -26.83
CA GLY D 99 2.13 22.61 -26.47
C GLY D 99 1.98 23.12 -25.02
N VAL D 100 1.50 22.25 -24.13
CA VAL D 100 1.38 22.57 -22.70
C VAL D 100 1.98 21.42 -21.88
N ARG D 101 3.17 21.66 -21.32
N ARG D 101 3.17 21.66 -21.32
CA ARG D 101 4.04 20.61 -20.78
CA ARG D 101 4.03 20.61 -20.79
C ARG D 101 4.01 20.49 -19.24
C ARG D 101 4.03 20.52 -19.25
N ILE D 102 2.98 21.06 -18.62
CA ILE D 102 2.95 21.23 -17.15
C ILE D 102 2.82 19.92 -16.36
N TRP D 103 2.22 18.91 -17.00
N TRP D 103 2.19 18.92 -16.98
CA TRP D 103 2.04 17.61 -16.35
CA TRP D 103 2.02 17.59 -16.36
C TRP D 103 3.02 16.52 -16.83
C TRP D 103 3.05 16.54 -16.79
N ASP D 104 3.92 16.87 -17.74
CA ASP D 104 4.86 15.85 -18.35
C ASP D 104 5.80 15.13 -17.37
N ALA D 105 6.42 15.92 -16.49
CA ALA D 105 7.26 15.42 -15.43
C ALA D 105 6.58 14.38 -14.54
N ASN D 106 5.30 14.55 -14.28
CA ASN D 106 4.57 13.62 -13.43
C ASN D 106 4.05 12.40 -14.15
N GLY D 107 4.05 12.45 -15.49
CA GLY D 107 3.79 11.28 -16.30
C GLY D 107 5.01 10.53 -16.84
N SER D 108 6.21 11.02 -16.57
CA SER D 108 7.45 10.45 -17.06
C SER D 108 7.69 9.05 -16.51
N ARG D 109 8.39 8.23 -17.28
CA ARG D 109 8.81 6.88 -16.85
C ARG D 109 9.48 6.85 -15.48
N ASP D 110 10.39 7.78 -15.24
CA ASP D 110 11.16 7.74 -13.99
C ASP D 110 10.30 8.16 -12.81
N PHE D 111 9.39 9.10 -13.06
CA PHE D 111 8.60 9.60 -11.98
C PHE D 111 7.62 8.50 -11.61
N LEU D 112 6.99 7.87 -12.61
CA LEU D 112 6.05 6.78 -12.38
C LEU D 112 6.73 5.60 -11.66
N ASP D 113 7.91 5.23 -12.16
CA ASP D 113 8.71 4.18 -11.47
C ASP D 113 8.95 4.52 -9.98
N SER D 114 9.23 5.78 -9.67
CA SER D 114 9.47 6.18 -8.29
C SER D 114 8.26 5.97 -7.33
N LEU D 115 7.07 5.80 -7.92
CA LEU D 115 5.82 5.57 -7.16
C LEU D 115 5.38 4.12 -7.13
N GLY D 116 6.19 3.21 -7.71
CA GLY D 116 5.82 1.81 -7.81
C GLY D 116 4.99 1.48 -9.04
N PHE D 117 4.92 2.42 -9.98
CA PHE D 117 4.08 2.29 -11.19
C PHE D 117 4.88 1.81 -12.42
N SER D 118 5.72 0.82 -12.23
CA SER D 118 6.64 0.41 -13.30
C SER D 118 5.85 -0.16 -14.51
N ALA D 119 4.78 -0.90 -14.26
CA ALA D 119 3.97 -1.52 -15.33
C ALA D 119 3.10 -0.52 -16.07
N ARG D 120 3.05 0.70 -15.58
CA ARG D 120 2.16 1.73 -16.13
C ARG D 120 2.74 2.39 -17.38
N GLN D 121 1.89 2.76 -18.32
CA GLN D 121 2.35 3.49 -19.55
C GLN D 121 2.78 4.89 -19.25
N GLU D 122 3.86 5.33 -19.89
CA GLU D 122 4.33 6.72 -19.74
C GLU D 122 3.19 7.68 -20.13
N GLY D 123 3.11 8.76 -19.35
CA GLY D 123 2.05 9.76 -19.41
C GLY D 123 0.77 9.45 -18.61
N ASP D 124 0.64 8.25 -18.09
CA ASP D 124 -0.60 7.84 -17.43
C ASP D 124 -0.57 8.36 -15.99
N LEU D 125 -1.17 9.53 -15.80
CA LEU D 125 -1.19 10.22 -14.50
C LEU D 125 -2.10 9.54 -13.45
N GLY D 126 -2.85 8.51 -13.84
CA GLY D 126 -3.78 7.88 -12.95
C GLY D 126 -5.07 8.71 -12.83
N PRO D 127 -5.90 8.41 -11.81
CA PRO D 127 -7.27 8.96 -11.76
C PRO D 127 -7.26 10.41 -11.21
N VAL D 128 -6.54 11.29 -11.88
CA VAL D 128 -6.47 12.68 -11.46
C VAL D 128 -7.68 13.45 -11.92
N TYR D 129 -7.55 14.77 -12.04
CA TYR D 129 -8.70 15.68 -12.18
C TYR D 129 -9.79 15.25 -13.14
N GLY D 130 -9.41 15.08 -14.39
CA GLY D 130 -10.37 14.81 -15.47
C GLY D 130 -11.21 13.58 -15.19
N PHE D 131 -10.59 12.59 -14.58
CA PHE D 131 -11.28 11.36 -14.24
C PHE D 131 -12.19 11.57 -13.04
N GLN D 132 -11.73 12.30 -12.02
CA GLN D 132 -12.59 12.51 -10.86
C GLN D 132 -13.79 13.41 -11.25
N TRP D 133 -13.57 14.37 -12.11
CA TRP D 133 -14.69 15.24 -12.50
C TRP D 133 -15.85 14.57 -13.22
N ARG D 134 -15.50 13.62 -14.10
CA ARG D 134 -16.46 12.98 -15.03
C ARG D 134 -16.90 11.58 -14.62
N HIS D 135 -16.10 10.94 -13.77
CA HIS D 135 -16.27 9.55 -13.42
C HIS D 135 -15.94 9.25 -11.97
N PHE D 136 -16.30 10.15 -11.04
CA PHE D 136 -15.96 9.90 -9.68
C PHE D 136 -16.43 8.52 -9.26
N GLY D 137 -15.54 7.77 -8.62
CA GLY D 137 -15.93 6.53 -8.02
C GLY D 137 -15.92 5.29 -8.93
N ALA D 138 -15.79 5.48 -10.27
CA ALA D 138 -15.39 4.36 -11.23
C ALA D 138 -14.07 3.72 -10.81
N GLU D 139 -13.84 2.47 -11.25
N GLU D 139 -13.85 2.46 -11.20
CA GLU D 139 -12.58 1.80 -11.00
CA GLU D 139 -12.57 1.79 -10.92
C GLU D 139 -11.64 2.20 -12.11
C GLU D 139 -11.61 2.12 -12.06
N TYR D 140 -10.48 2.75 -11.75
CA TYR D 140 -9.53 3.18 -12.76
C TYR D 140 -8.75 1.98 -13.20
N LYS D 141 -8.53 1.90 -14.51
CA LYS D 141 -7.71 0.84 -15.11
C LYS D 141 -6.50 1.52 -15.69
N ASP D 142 -6.64 2.20 -16.83
CA ASP D 142 -5.55 3.03 -17.31
C ASP D 142 -6.11 4.14 -18.13
N MET D 143 -5.21 4.97 -18.61
CA MET D 143 -5.60 6.22 -19.23
C MET D 143 -6.37 5.99 -20.56
N ASP D 144 -6.39 4.77 -21.10
CA ASP D 144 -7.08 4.49 -22.37
C ASP D 144 -8.45 3.77 -22.28
N SER D 145 -8.90 3.42 -21.08
CA SER D 145 -10.15 2.70 -20.95
C SER D 145 -11.34 3.56 -21.39
N ASP D 146 -12.41 2.89 -21.83
CA ASP D 146 -13.69 3.53 -22.07
C ASP D 146 -14.29 3.60 -20.69
N TYR D 147 -14.53 4.84 -20.22
CA TYR D 147 -15.16 5.12 -18.93
C TYR D 147 -16.61 5.69 -19.03
N SER D 148 -17.08 5.96 -20.28
CA SER D 148 -18.49 6.32 -20.56
C SER D 148 -19.45 5.71 -19.53
N GLY D 149 -20.27 6.56 -18.90
CA GLY D 149 -21.35 6.04 -18.07
C GLY D 149 -20.92 5.41 -16.75
N GLN D 150 -19.61 5.34 -16.51
CA GLN D 150 -19.09 4.82 -15.24
C GLN D 150 -18.81 5.96 -14.28
N GLY D 151 -19.25 5.76 -13.03
CA GLY D 151 -19.05 6.69 -11.94
C GLY D 151 -19.86 7.97 -12.12
N VAL D 152 -19.73 8.88 -11.16
CA VAL D 152 -20.57 10.09 -11.10
C VAL D 152 -19.99 11.22 -11.99
N ASP D 153 -20.75 11.63 -13.01
CA ASP D 153 -20.43 12.85 -13.76
C ASP D 153 -20.75 14.14 -12.92
N GLN D 154 -19.78 14.57 -12.15
CA GLN D 154 -19.98 15.75 -11.29
C GLN D 154 -20.19 17.04 -12.07
N LEU D 155 -19.49 17.15 -13.17
CA LEU D 155 -19.50 18.37 -13.93
C LEU D 155 -20.85 18.53 -14.56
N GLN D 156 -21.43 17.43 -15.07
CA GLN D 156 -22.70 17.57 -15.78
C GLN D 156 -23.80 17.77 -14.76
N LYS D 157 -23.68 17.10 -13.61
CA LYS D 157 -24.67 17.25 -12.56
C LYS D 157 -24.68 18.70 -12.07
N VAL D 158 -23.51 19.31 -12.01
CA VAL D 158 -23.42 20.70 -11.59
C VAL D 158 -24.13 21.59 -12.59
N ILE D 159 -23.93 21.35 -13.86
CA ILE D 159 -24.58 22.16 -14.95
C ILE D 159 -26.11 21.97 -14.93
N ASP D 160 -26.55 20.71 -14.79
N ASP D 160 -26.59 20.74 -14.75
CA ASP D 160 -27.95 20.33 -14.70
CA ASP D 160 -28.02 20.49 -14.74
C ASP D 160 -28.61 21.06 -13.53
C ASP D 160 -28.72 20.96 -13.47
N THR D 161 -28.02 20.93 -12.33
CA THR D 161 -28.57 21.55 -11.13
C THR D 161 -28.66 23.10 -11.26
N ILE D 162 -27.66 23.74 -11.85
CA ILE D 162 -27.68 25.20 -12.01
C ILE D 162 -28.89 25.64 -12.84
N LYS D 163 -29.15 24.89 -13.91
CA LYS D 163 -30.32 25.14 -14.78
C LYS D 163 -31.70 24.91 -14.15
N THR D 164 -31.85 23.82 -13.41
CA THR D 164 -33.14 23.43 -12.86
C THR D 164 -33.42 23.90 -11.42
N ASN D 165 -32.35 23.98 -10.58
CA ASN D 165 -32.54 24.32 -9.17
C ASN D 165 -31.37 25.20 -8.70
N PRO D 166 -31.27 26.42 -9.26
CA PRO D 166 -30.15 27.33 -9.01
C PRO D 166 -29.94 27.76 -7.57
N ASP D 167 -30.93 27.56 -6.70
CA ASP D 167 -30.79 27.99 -5.32
C ASP D 167 -30.11 26.90 -4.53
N ASP D 168 -29.89 25.72 -5.17
CA ASP D 168 -29.36 24.52 -4.47
C ASP D 168 -28.07 24.90 -3.78
N ARG D 169 -27.85 24.35 -2.59
CA ARG D 169 -26.63 24.69 -1.86
C ARG D 169 -25.61 23.58 -1.88
N ARG D 170 -25.83 22.60 -2.80
CA ARG D 170 -24.99 21.39 -2.91
C ARG D 170 -24.41 21.27 -4.31
N ILE D 171 -24.14 22.38 -4.98
CA ILE D 171 -23.60 22.36 -6.34
C ILE D 171 -22.04 22.29 -6.35
N ILE D 172 -21.52 21.10 -6.03
CA ILE D 172 -20.12 20.83 -5.74
C ILE D 172 -19.49 19.84 -6.75
N MET D 173 -18.24 20.10 -7.10
CA MET D 173 -17.36 19.17 -7.88
C MET D 173 -16.13 18.92 -7.04
N CYS D 174 -15.84 17.68 -6.68
CA CYS D 174 -14.74 17.39 -5.80
C CYS D 174 -13.76 16.40 -6.47
N ALA D 175 -12.49 16.78 -6.53
CA ALA D 175 -11.45 15.91 -7.11
C ALA D 175 -10.77 15.14 -6.02
N TRP D 176 -10.95 15.53 -4.76
CA TRP D 176 -10.28 14.81 -3.67
C TRP D 176 -11.01 13.49 -3.42
N ASN D 177 -10.32 12.40 -3.68
CA ASN D 177 -10.92 11.05 -3.54
C ASN D 177 -9.94 10.23 -2.75
N PRO D 178 -10.21 10.00 -1.46
CA PRO D 178 -9.24 9.31 -0.60
C PRO D 178 -8.91 7.89 -1.09
N LYS D 179 -9.92 7.21 -1.62
CA LYS D 179 -9.77 5.86 -2.09
C LYS D 179 -8.74 5.80 -3.24
N ASP D 180 -8.76 6.78 -4.14
CA ASP D 180 -7.96 6.79 -5.36
C ASP D 180 -6.60 7.50 -5.17
N LEU D 181 -6.42 8.24 -4.09
CA LEU D 181 -5.17 9.00 -3.87
C LEU D 181 -3.90 8.20 -4.17
N PRO D 182 -3.81 6.97 -3.69
CA PRO D 182 -2.52 6.28 -3.94
C PRO D 182 -2.22 6.03 -5.43
N LEU D 183 -3.23 6.11 -6.28
CA LEU D 183 -3.01 5.79 -7.70
C LEU D 183 -2.68 7.00 -8.52
N MET D 184 -2.85 8.18 -7.92
CA MET D 184 -2.65 9.43 -8.62
C MET D 184 -1.18 9.75 -8.62
N ALA D 185 -0.72 10.39 -9.67
CA ALA D 185 0.71 10.79 -9.72
C ALA D 185 1.00 11.96 -8.76
N LEU D 186 -0.01 12.78 -8.53
CA LEU D 186 0.07 13.92 -7.61
C LEU D 186 -1.30 14.06 -6.99
N PRO D 187 -1.37 14.22 -5.66
CA PRO D 187 -2.71 14.54 -5.12
C PRO D 187 -3.24 15.93 -5.55
N PRO D 188 -4.55 16.07 -5.90
CA PRO D 188 -5.12 17.29 -6.47
C PRO D 188 -4.86 18.49 -5.53
N CYS D 189 -4.45 19.64 -6.06
CA CYS D 189 -4.29 20.86 -5.18
C CYS D 189 -5.64 21.55 -5.03
N HIS D 190 -6.42 21.48 -6.08
N HIS D 190 -6.38 21.67 -6.13
CA HIS D 190 -7.80 21.97 -6.07
CA HIS D 190 -7.78 22.14 -6.05
C HIS D 190 -8.76 20.88 -5.66
C HIS D 190 -8.75 20.98 -5.67
N ALA D 191 -9.03 20.86 -4.36
CA ALA D 191 -9.73 19.73 -3.77
C ALA D 191 -11.21 19.73 -4.12
N LEU D 192 -11.83 20.90 -4.11
CA LEU D 192 -13.17 21.00 -4.58
C LEU D 192 -13.61 22.38 -4.93
N CYS D 193 -14.70 22.44 -5.66
CA CYS D 193 -15.38 23.73 -5.91
C CYS D 193 -16.87 23.69 -5.75
N GLN D 194 -17.43 24.86 -5.44
CA GLN D 194 -18.87 25.01 -5.23
C GLN D 194 -19.33 26.16 -6.08
N PHE D 195 -20.52 26.00 -6.63
CA PHE D 195 -21.17 27.11 -7.37
C PHE D 195 -22.42 27.60 -6.64
N TYR D 196 -22.80 28.82 -6.99
CA TYR D 196 -23.85 29.53 -6.33
C TYR D 196 -24.44 30.50 -7.32
N VAL D 197 -25.76 30.74 -7.20
CA VAL D 197 -26.45 31.65 -8.11
C VAL D 197 -27.35 32.62 -7.37
N VAL D 198 -27.13 33.90 -7.60
CA VAL D 198 -28.05 34.94 -7.06
C VAL D 198 -28.11 36.02 -8.08
N ASN D 199 -29.29 36.63 -8.21
CA ASN D 199 -29.47 37.79 -9.09
C ASN D 199 -29.08 37.58 -10.55
N GLY D 200 -29.22 36.37 -11.07
CA GLY D 200 -28.76 36.07 -12.43
C GLY D 200 -27.25 35.93 -12.68
N GLU D 201 -26.49 35.75 -11.59
CA GLU D 201 -25.04 35.69 -11.63
C GLU D 201 -24.56 34.39 -11.00
N LEU D 202 -23.58 33.78 -11.65
CA LEU D 202 -23.00 32.51 -11.24
C LEU D 202 -21.68 32.89 -10.59
N SER D 203 -21.49 32.43 -9.35
CA SER D 203 -20.23 32.51 -8.69
C SER D 203 -19.66 31.12 -8.42
N CYS D 204 -18.37 31.06 -8.18
CA CYS D 204 -17.62 29.81 -7.90
C CYS D 204 -16.71 30.07 -6.68
N GLN D 205 -16.62 29.12 -5.77
CA GLN D 205 -15.61 29.13 -4.79
C GLN D 205 -14.77 27.89 -4.94
N LEU D 206 -13.44 28.07 -4.97
CA LEU D 206 -12.46 27.00 -4.96
C LEU D 206 -11.86 26.80 -3.62
N TYR D 207 -11.81 25.56 -3.13
CA TYR D 207 -10.98 25.18 -2.02
C TYR D 207 -9.69 24.51 -2.48
N GLN D 208 -8.63 25.30 -2.36
CA GLN D 208 -7.28 24.90 -2.74
C GLN D 208 -6.49 24.57 -1.52
N ARG D 209 -6.16 23.30 -1.37
CA ARG D 209 -5.47 22.85 -0.19
C ARG D 209 -4.09 23.37 -0.03
N SER D 210 -3.43 23.65 -1.17
CA SER D 210 -2.03 23.92 -1.20
C SER D 210 -1.80 24.88 -2.41
N GLY D 211 -1.20 26.03 -2.15
CA GLY D 211 -1.07 27.09 -3.14
C GLY D 211 0.32 27.65 -3.14
N ASP D 212 1.03 27.45 -4.27
CA ASP D 212 2.34 28.08 -4.47
C ASP D 212 2.04 29.46 -5.05
N MET D 213 2.24 30.49 -4.23
CA MET D 213 1.77 31.83 -4.62
C MET D 213 2.53 32.35 -5.86
N GLY D 214 3.79 31.92 -6.02
CA GLY D 214 4.63 32.32 -7.22
C GLY D 214 4.12 31.85 -8.59
N LEU D 215 3.82 30.57 -8.66
CA LEU D 215 3.57 29.94 -9.96
C LEU D 215 2.14 29.49 -10.10
N GLY D 216 1.81 28.53 -9.25
CA GLY D 216 0.54 27.90 -9.42
C GLY D 216 -0.64 28.84 -9.23
N VAL D 217 -0.66 29.59 -8.13
CA VAL D 217 -1.87 30.35 -7.78
C VAL D 217 -2.43 31.27 -8.87
N PRO D 218 -1.59 32.09 -9.52
CA PRO D 218 -2.13 32.99 -10.53
C PRO D 218 -2.77 32.23 -11.70
N PHE D 219 -2.15 31.10 -12.02
CA PHE D 219 -2.73 30.17 -13.01
C PHE D 219 -4.05 29.56 -12.52
N ASN D 220 -4.09 29.17 -11.25
CA ASN D 220 -5.26 28.48 -10.69
C ASN D 220 -6.47 29.43 -10.66
N ILE D 221 -6.22 30.73 -10.38
CA ILE D 221 -7.23 31.78 -10.40
C ILE D 221 -7.85 31.90 -11.77
N ALA D 222 -6.98 31.94 -12.76
CA ALA D 222 -7.42 31.97 -14.15
C ALA D 222 -8.21 30.71 -14.50
N SER D 223 -7.83 29.53 -14.01
CA SER D 223 -8.50 28.28 -14.46
C SER D 223 -9.93 28.30 -13.98
N TYR D 224 -10.16 28.66 -12.70
CA TYR D 224 -11.52 28.56 -12.20
C TYR D 224 -12.41 29.73 -12.64
N ALA D 225 -11.81 30.89 -12.87
CA ALA D 225 -12.53 32.00 -13.47
C ALA D 225 -12.99 31.62 -14.86
N LEU D 226 -12.12 30.96 -15.61
CA LEU D 226 -12.52 30.50 -16.97
C LEU D 226 -13.66 29.49 -16.86
N LEU D 227 -13.53 28.50 -15.95
CA LEU D 227 -14.59 27.47 -15.72
C LEU D 227 -15.89 28.10 -15.39
N THR D 228 -15.85 29.19 -14.58
CA THR D 228 -17.05 29.89 -14.23
C THR D 228 -17.63 30.62 -15.47
N TYR D 229 -16.77 31.15 -16.30
CA TYR D 229 -17.24 31.81 -17.53
C TYR D 229 -17.85 30.78 -18.54
N MET D 230 -17.27 29.59 -18.64
CA MET D 230 -17.85 28.51 -19.51
C MET D 230 -19.23 28.01 -18.97
N ILE D 231 -19.32 27.72 -17.67
CA ILE D 231 -20.58 27.27 -17.07
C ILE D 231 -21.68 28.34 -17.08
N ALA D 232 -21.32 29.60 -16.83
CA ALA D 232 -22.25 30.74 -16.98
C ALA D 232 -22.92 30.78 -18.33
N HIS D 233 -22.09 30.72 -19.33
CA HIS D 233 -22.51 30.85 -20.71
C HIS D 233 -23.46 29.72 -21.07
N ILE D 234 -23.11 28.50 -20.69
CA ILE D 234 -23.91 27.33 -20.98
C ILE D 234 -25.25 27.40 -20.27
N THR D 235 -25.26 27.92 -19.03
CA THR D 235 -26.46 27.99 -18.23
C THR D 235 -27.24 29.32 -18.34
N GLY D 236 -26.83 30.20 -19.25
CA GLY D 236 -27.57 31.43 -19.56
C GLY D 236 -27.34 32.58 -18.59
N LEU D 237 -26.41 32.40 -17.65
CA LEU D 237 -26.19 33.34 -16.53
C LEU D 237 -25.01 34.29 -16.81
N GLN D 238 -24.81 35.26 -15.92
CA GLN D 238 -23.66 36.15 -16.00
C GLN D 238 -22.68 35.78 -14.91
N PRO D 239 -21.39 35.74 -15.27
CA PRO D 239 -20.40 35.48 -14.20
C PRO D 239 -20.44 36.54 -13.05
N GLY D 240 -20.35 36.06 -11.81
CA GLY D 240 -20.45 36.97 -10.65
C GLY D 240 -19.10 37.14 -9.98
N ASP D 241 -18.82 36.33 -8.97
CA ASP D 241 -17.51 36.34 -8.33
C ASP D 241 -16.87 34.98 -8.37
N PHE D 242 -15.55 35.02 -8.30
CA PHE D 242 -14.71 33.89 -8.05
C PHE D 242 -14.12 34.15 -6.65
N VAL D 243 -14.43 33.24 -5.72
CA VAL D 243 -13.89 33.27 -4.38
C VAL D 243 -12.85 32.21 -4.23
N HIS D 244 -11.64 32.66 -3.98
CA HIS D 244 -10.49 31.80 -3.83
C HIS D 244 -10.14 31.51 -2.37
N THR D 245 -10.32 30.27 -1.94
CA THR D 245 -9.95 29.88 -0.59
C THR D 245 -8.70 28.96 -0.61
N LEU D 246 -7.71 29.30 0.17
CA LEU D 246 -6.52 28.50 0.38
C LEU D 246 -6.38 27.88 1.75
N GLY D 247 -5.84 26.65 1.76
CA GLY D 247 -5.25 26.04 2.90
C GLY D 247 -3.87 26.52 3.22
N ASP D 248 -2.86 25.71 2.88
CA ASP D 248 -1.48 26.06 3.04
C ASP D 248 -1.10 26.96 1.85
N ALA D 249 -1.13 28.25 2.11
CA ALA D 249 -0.70 29.28 1.13
C ALA D 249 0.74 29.62 1.41
N HIS D 250 1.64 29.38 0.41
CA HIS D 250 3.06 29.46 0.70
C HIS D 250 3.86 30.09 -0.45
N ILE D 251 5.02 30.57 -0.08
CA ILE D 251 6.00 31.09 -1.03
C ILE D 251 7.26 30.29 -0.80
N TYR D 252 7.82 29.72 -1.86
CA TYR D 252 9.14 29.03 -1.67
C TYR D 252 10.31 30.00 -1.52
N LEU D 253 11.29 29.64 -0.74
CA LEU D 253 12.41 30.55 -0.60
C LEU D 253 12.97 31.04 -2.00
N ASN D 254 12.96 30.18 -3.02
CA ASN D 254 13.39 30.55 -4.41
C ASN D 254 12.45 31.47 -5.24
N HIS D 255 11.15 31.49 -5.01
CA HIS D 255 10.30 32.56 -5.63
C HIS D 255 10.31 33.85 -4.83
N ILE D 256 11.11 33.97 -3.77
CA ILE D 256 11.02 35.17 -2.90
C ILE D 256 11.44 36.45 -3.63
N GLU D 257 12.68 36.47 -4.11
CA GLU D 257 13.18 37.67 -4.79
C GLU D 257 12.34 38.07 -6.01
N PRO D 258 11.90 37.12 -6.82
CA PRO D 258 10.95 37.45 -7.90
C PRO D 258 9.63 38.06 -7.43
N LEU D 259 9.09 37.53 -6.33
CA LEU D 259 7.81 38.08 -5.83
C LEU D 259 7.98 39.48 -5.28
N LYS D 260 9.12 39.75 -4.67
CA LYS D 260 9.45 41.12 -4.23
C LYS D 260 9.47 42.12 -5.37
N ILE D 261 10.04 41.73 -6.49
CA ILE D 261 9.99 42.55 -7.74
C ILE D 261 8.56 42.81 -8.06
N GLN D 262 7.75 41.76 -8.03
CA GLN D 262 6.40 41.86 -8.47
C GLN D 262 5.60 42.82 -7.53
N LEU D 263 5.84 42.77 -6.22
CA LEU D 263 5.15 43.62 -5.27
C LEU D 263 5.45 45.09 -5.52
N GLN D 264 6.54 45.38 -6.24
N GLN D 264 6.53 45.38 -6.24
CA GLN D 264 6.85 46.76 -6.57
CA GLN D 264 6.84 46.77 -6.57
C GLN D 264 6.28 47.21 -7.92
C GLN D 264 6.29 47.21 -7.92
N ARG D 265 5.57 46.35 -8.64
CA ARG D 265 4.98 46.76 -9.92
C ARG D 265 3.59 47.30 -9.74
N GLU D 266 3.28 48.30 -10.53
CA GLU D 266 2.00 48.87 -10.54
C GLU D 266 1.03 48.03 -11.36
N PRO D 267 -0.06 47.53 -10.76
CA PRO D 267 -1.04 46.73 -11.51
C PRO D 267 -1.68 47.54 -12.61
N ARG D 268 -2.07 46.87 -13.69
CA ARG D 268 -2.82 47.46 -14.77
C ARG D 268 -4.21 46.91 -14.79
N PRO D 269 -5.15 47.57 -15.49
CA PRO D 269 -6.47 46.94 -15.64
C PRO D 269 -6.42 45.51 -16.19
N PHE D 270 -7.27 44.67 -15.62
CA PHE D 270 -7.44 43.29 -16.07
C PHE D 270 -7.91 43.25 -17.53
N PRO D 271 -7.61 42.17 -18.24
CA PRO D 271 -8.25 41.98 -19.58
C PRO D 271 -9.75 41.61 -19.51
N LYS D 272 -10.38 41.43 -20.68
N LYS D 272 -10.37 41.39 -20.68
CA LYS D 272 -11.70 40.81 -20.79
CA LYS D 272 -11.71 40.83 -20.76
C LYS D 272 -11.60 39.46 -21.45
C LYS D 272 -11.63 39.48 -21.47
N LEU D 273 -12.62 38.62 -21.24
CA LEU D 273 -12.66 37.32 -21.92
C LEU D 273 -13.90 37.31 -22.75
N LYS D 274 -13.72 37.08 -24.06
CA LYS D 274 -14.85 36.96 -24.99
C LYS D 274 -15.00 35.54 -25.45
N ILE D 275 -16.24 35.07 -25.36
CA ILE D 275 -16.66 33.78 -25.95
C ILE D 275 -17.36 34.16 -27.29
N LEU D 276 -16.75 33.66 -28.35
CA LEU D 276 -17.01 34.10 -29.73
C LEU D 276 -18.19 33.37 -30.45
N ARG D 277 -18.72 32.33 -29.82
CA ARG D 277 -19.83 31.58 -30.42
C ARG D 277 -20.72 31.08 -29.29
N LYS D 278 -22.02 31.00 -29.57
CA LYS D 278 -22.98 30.41 -28.67
C LYS D 278 -22.77 28.90 -28.55
N VAL D 279 -22.52 28.44 -27.32
CA VAL D 279 -22.20 27.04 -27.01
C VAL D 279 -23.26 26.48 -26.09
N GLU D 280 -23.71 25.26 -26.39
N GLU D 280 -23.73 25.27 -26.43
CA GLU D 280 -24.83 24.71 -25.68
CA GLU D 280 -24.83 24.64 -25.73
C GLU D 280 -24.39 23.63 -24.70
C GLU D 280 -24.36 23.68 -24.66
N THR D 281 -23.25 23.00 -24.92
CA THR D 281 -22.72 22.01 -23.95
C THR D 281 -21.24 22.15 -23.64
N ILE D 282 -20.92 21.74 -22.43
CA ILE D 282 -19.57 21.98 -21.93
C ILE D 282 -18.53 21.25 -22.76
N ASP D 283 -18.88 20.02 -23.18
CA ASP D 283 -17.97 19.21 -24.00
C ASP D 283 -17.71 19.85 -25.37
N ASP D 284 -18.62 20.72 -25.78
CA ASP D 284 -18.54 21.34 -27.10
C ASP D 284 -17.56 22.49 -27.17
N PHE D 285 -17.10 23.04 -26.03
CA PHE D 285 -16.16 24.17 -26.05
C PHE D 285 -14.88 23.71 -26.66
N LYS D 286 -14.35 24.58 -27.52
CA LYS D 286 -13.06 24.37 -28.17
C LYS D 286 -12.19 25.62 -28.03
N VAL D 287 -10.88 25.50 -28.25
CA VAL D 287 -9.95 26.61 -27.94
C VAL D 287 -10.26 27.87 -28.70
N GLU D 288 -10.65 27.71 -29.96
N GLU D 288 -10.59 27.77 -29.98
CA GLU D 288 -10.87 28.83 -30.87
CA GLU D 288 -10.76 28.99 -30.77
C GLU D 288 -12.06 29.69 -30.46
C GLU D 288 -12.06 29.74 -30.43
N ASP D 289 -12.82 29.21 -29.46
CA ASP D 289 -14.03 29.86 -29.03
C ASP D 289 -13.74 31.00 -28.06
N PHE D 290 -12.50 31.13 -27.60
CA PHE D 290 -12.21 32.06 -26.48
C PHE D 290 -11.29 33.13 -26.95
N GLN D 291 -11.61 34.37 -26.58
CA GLN D 291 -10.72 35.50 -26.82
C GLN D 291 -10.40 36.36 -25.58
N ILE D 292 -9.12 36.48 -25.24
CA ILE D 292 -8.66 37.39 -24.17
C ILE D 292 -8.34 38.75 -24.77
N GLU D 293 -9.12 39.75 -24.39
CA GLU D 293 -8.99 41.12 -24.93
C GLU D 293 -8.19 42.02 -23.99
N GLY D 294 -7.18 42.70 -24.52
CA GLY D 294 -6.46 43.80 -23.83
C GLY D 294 -5.49 43.38 -22.74
N TYR D 295 -4.84 42.23 -22.87
CA TYR D 295 -3.97 41.72 -21.80
C TYR D 295 -2.59 42.35 -21.88
N ASN D 296 -2.22 43.09 -20.84
CA ASN D 296 -1.04 43.95 -20.88
C ASN D 296 -0.22 43.80 -19.64
N PRO D 297 0.27 42.57 -19.40
CA PRO D 297 1.08 42.30 -18.24
C PRO D 297 2.42 42.99 -18.32
N HIS D 298 3.00 43.23 -17.16
CA HIS D 298 4.35 43.66 -17.06
C HIS D 298 5.28 42.63 -17.66
N PRO D 299 6.52 43.03 -17.90
CA PRO D 299 7.40 42.13 -18.59
C PRO D 299 7.56 40.80 -17.85
N THR D 300 8.57 40.06 -18.31
CA THR D 300 8.83 38.69 -17.88
C THR D 300 9.18 38.49 -16.38
N ILE D 301 8.46 37.57 -15.70
CA ILE D 301 8.93 37.03 -14.38
C ILE D 301 8.77 35.48 -14.20
N LYS D 302 9.86 34.78 -14.50
CA LYS D 302 10.00 33.34 -14.32
C LYS D 302 10.16 33.03 -12.82
N MET D 303 9.57 31.91 -12.39
CA MET D 303 9.54 31.55 -10.96
C MET D 303 10.50 30.38 -10.64
N GLU D 304 10.20 29.18 -11.13
CA GLU D 304 11.10 28.01 -10.96
C GLU D 304 11.70 27.52 -12.28
#